data_1DNF
# 
_entry.id   1DNF 
# 
_audit_conform.dict_name       mmcif_pdbx.dic 
_audit_conform.dict_version    5.385 
_audit_conform.dict_location   http://mmcif.pdb.org/dictionaries/ascii/mmcif_pdbx.dic 
# 
loop_
_database_2.database_id 
_database_2.database_code 
_database_2.pdbx_database_accession 
_database_2.pdbx_DOI 
PDB   1DNF         pdb_00001dnf 10.2210/pdb1dnf/pdb 
RCSB  ZDFB12       ?            ?                   
WWPDB D_1000172858 ?            ?                   
# 
loop_
_pdbx_audit_revision_history.ordinal 
_pdbx_audit_revision_history.data_content_type 
_pdbx_audit_revision_history.major_revision 
_pdbx_audit_revision_history.minor_revision 
_pdbx_audit_revision_history.revision_date 
1 'Structure model' 1 0 1990-10-15 
2 'Structure model' 1 1 2008-05-22 
3 'Structure model' 1 2 2011-07-13 
4 'Structure model' 1 3 2024-02-07 
# 
_pdbx_audit_revision_details.ordinal             1 
_pdbx_audit_revision_details.revision_ordinal    1 
_pdbx_audit_revision_details.data_content_type   'Structure model' 
_pdbx_audit_revision_details.provider            repository 
_pdbx_audit_revision_details.type                'Initial release' 
_pdbx_audit_revision_details.description         ? 
_pdbx_audit_revision_details.details             ? 
# 
loop_
_pdbx_audit_revision_group.ordinal 
_pdbx_audit_revision_group.revision_ordinal 
_pdbx_audit_revision_group.data_content_type 
_pdbx_audit_revision_group.group 
1 2 'Structure model' 'Version format compliance' 
2 3 'Structure model' 'Version format compliance' 
3 4 'Structure model' 'Data collection'           
4 4 'Structure model' 'Database references'       
5 4 'Structure model' 'Derived calculations'      
# 
loop_
_pdbx_audit_revision_category.ordinal 
_pdbx_audit_revision_category.revision_ordinal 
_pdbx_audit_revision_category.data_content_type 
_pdbx_audit_revision_category.category 
1 4 'Structure model' chem_comp_atom         
2 4 'Structure model' chem_comp_bond         
3 4 'Structure model' database_2             
4 4 'Structure model' pdbx_struct_conn_angle 
5 4 'Structure model' struct_conn            
6 4 'Structure model' struct_conn_type       
7 4 'Structure model' struct_site            
# 
loop_
_pdbx_audit_revision_item.ordinal 
_pdbx_audit_revision_item.revision_ordinal 
_pdbx_audit_revision_item.data_content_type 
_pdbx_audit_revision_item.item 
1  4 'Structure model' '_database_2.pdbx_DOI'                        
2  4 'Structure model' '_database_2.pdbx_database_accession'         
3  4 'Structure model' '_pdbx_struct_conn_angle.ptnr1_auth_asym_id'  
4  4 'Structure model' '_pdbx_struct_conn_angle.ptnr1_auth_seq_id'   
5  4 'Structure model' '_pdbx_struct_conn_angle.ptnr1_label_asym_id' 
6  4 'Structure model' '_pdbx_struct_conn_angle.ptnr3_auth_asym_id'  
7  4 'Structure model' '_pdbx_struct_conn_angle.ptnr3_auth_seq_id'   
8  4 'Structure model' '_pdbx_struct_conn_angle.ptnr3_label_asym_id' 
9  4 'Structure model' '_pdbx_struct_conn_angle.value'               
10 4 'Structure model' '_struct_conn.conn_type_id'                   
11 4 'Structure model' '_struct_conn.id'                             
12 4 'Structure model' '_struct_conn.pdbx_dist_value'                
13 4 'Structure model' '_struct_conn.pdbx_leaving_atom_flag'         
14 4 'Structure model' '_struct_conn.ptnr1_auth_asym_id'             
15 4 'Structure model' '_struct_conn.ptnr1_auth_comp_id'             
16 4 'Structure model' '_struct_conn.ptnr1_auth_seq_id'              
17 4 'Structure model' '_struct_conn.ptnr1_label_asym_id'            
18 4 'Structure model' '_struct_conn.ptnr1_label_atom_id'            
19 4 'Structure model' '_struct_conn.ptnr1_label_comp_id'            
20 4 'Structure model' '_struct_conn.ptnr1_label_seq_id'             
21 4 'Structure model' '_struct_conn.ptnr2_auth_asym_id'             
22 4 'Structure model' '_struct_conn.ptnr2_auth_comp_id'             
23 4 'Structure model' '_struct_conn.ptnr2_auth_seq_id'              
24 4 'Structure model' '_struct_conn.ptnr2_label_asym_id'            
25 4 'Structure model' '_struct_conn.ptnr2_label_atom_id'            
26 4 'Structure model' '_struct_conn.ptnr2_label_comp_id'            
27 4 'Structure model' '_struct_conn.ptnr2_label_seq_id'             
28 4 'Structure model' '_struct_conn_type.id'                        
29 4 'Structure model' '_struct_site.pdbx_auth_asym_id'              
30 4 'Structure model' '_struct_site.pdbx_auth_comp_id'              
31 4 'Structure model' '_struct_site.pdbx_auth_seq_id'               
# 
_pdbx_database_status.status_code                     REL 
_pdbx_database_status.entry_id                        1DNF 
_pdbx_database_status.recvd_initial_deposition_date   1988-12-12 
_pdbx_database_status.deposit_site                    BNL 
_pdbx_database_status.process_site                    BNL 
_pdbx_database_status.SG_entry                        . 
_pdbx_database_status.pdb_format_compatible           Y 
_pdbx_database_status.status_code_mr                  ? 
_pdbx_database_status.status_code_sf                  ? 
_pdbx_database_status.status_code_cs                  ? 
_pdbx_database_status.status_code_nmr_data            ? 
_pdbx_database_status.methods_development_category    ? 
# 
loop_
_audit_author.name 
_audit_author.pdbx_ordinal 
'Coll, M.'        1 
'Saal, D.'        2 
'Frederick, C.A.' 3 
'Aymami, J.'      4 
'Rich, A.'        5 
'Wang, A.H.-J.'   6 
# 
loop_
_citation.id 
_citation.title 
_citation.journal_abbrev 
_citation.journal_volume 
_citation.page_first 
_citation.page_last 
_citation.year 
_citation.journal_id_ASTM 
_citation.country 
_citation.journal_id_ISSN 
_citation.journal_id_CSD 
_citation.book_publisher 
_citation.pdbx_database_id_PubMed 
_citation.pdbx_database_id_DOI 
primary 'Effects of 5-fluorouracil/guanine wobble base pairs in Z-DNA: molecular and crystal structure of d(CGCGFG).' 
'Nucleic Acids Res.'   17  911  923  1989 NARHAD UK 0305-1048 0389 ? 2922276 10.1093/nar/17.3.911 
1       
'5-Fluorodeoxyuridine as an Alternative to the Synthesis of Mixed Hybridization Probes for the Detection of Specific Gene Sequences' 
Proc.Natl.Acad.Sci.USA 85  1735 1739 1988 PNASA6 US 0027-8424 0040 ? ?       ?                    
2       
;5-Fluoro-2'-Deoxyuridine Incorporation in L1210 DNA
;
J.Biol.Chem.           256 8885 8888 1981 JBCHA3 US 0021-9258 0071 ? ?       ?                    
# 
loop_
_citation_author.citation_id 
_citation_author.name 
_citation_author.ordinal 
_citation_author.identifier_ORCID 
primary 'Coll, M.'        1  ? 
primary 'Saal, D.'        2  ? 
primary 'Frederick, C.A.' 3  ? 
primary 'Aymami, J.'      4  ? 
primary 'Rich, A.'        5  ? 
primary 'Wang, A.H.'      6  ? 
1       'Habener, J.F.'   7  ? 
1       'Vo, C.D.'        8  ? 
1       'Le, D.B.'        9  ? 
1       'Gryan, G.P.'     10 ? 
1       'Ercolani, L.'    11 ? 
1       'Wang, A.H.-J.'   12 ? 
2       'Kufe, D.W.'      13 ? 
2       'Major, P.P.'     14 ? 
2       'Egan, E.M.'      15 ? 
2       'Loh, E.'         16 ? 
# 
loop_
_entity.id 
_entity.type 
_entity.src_method 
_entity.pdbx_description 
_entity.formula_weight 
_entity.pdbx_number_of_molecules 
_entity.pdbx_ec 
_entity.pdbx_mutation 
_entity.pdbx_fragment 
_entity.details 
1 polymer     syn 
;DNA (5'-D(*CP*GP*CP*GP*(UFP)P*G)-3')
;
1829.180 2  ? ? ? ? 
2 non-polymer syn 'MAGNESIUM ION'                        24.305   1  ? ? ? ? 
3 water       nat water                                  18.015   58 ? ? ? ? 
# 
_entity_poly.entity_id                      1 
_entity_poly.type                           polydeoxyribonucleotide 
_entity_poly.nstd_linkage                   no 
_entity_poly.nstd_monomer                   yes 
_entity_poly.pdbx_seq_one_letter_code       '(DC)(DG)(DC)(DG)(UFP)(DG)' 
_entity_poly.pdbx_seq_one_letter_code_can   CGCGNG 
_entity_poly.pdbx_strand_id                 A,B 
_entity_poly.pdbx_target_identifier         ? 
# 
loop_
_pdbx_entity_nonpoly.entity_id 
_pdbx_entity_nonpoly.name 
_pdbx_entity_nonpoly.comp_id 
2 'MAGNESIUM ION' MG  
3 water           HOH 
# 
loop_
_entity_poly_seq.entity_id 
_entity_poly_seq.num 
_entity_poly_seq.mon_id 
_entity_poly_seq.hetero 
1 1 DC  n 
1 2 DG  n 
1 3 DC  n 
1 4 DG  n 
1 5 UFP n 
1 6 DG  n 
# 
loop_
_chem_comp.id 
_chem_comp.type 
_chem_comp.mon_nstd_flag 
_chem_comp.name 
_chem_comp.pdbx_synonyms 
_chem_comp.formula 
_chem_comp.formula_weight 
DC  'DNA linking' y "2'-DEOXYCYTIDINE-5'-MONOPHOSPHATE"         ? 'C9 H14 N3 O7 P'   307.197 
DG  'DNA linking' y "2'-DEOXYGUANOSINE-5'-MONOPHOSPHATE"        ? 'C10 H14 N5 O7 P'  347.221 
HOH non-polymer   . WATER                                       ? 'H2 O'             18.015  
MG  non-polymer   . 'MAGNESIUM ION'                             ? 'Mg 2'             24.305  
UFP 'DNA linking' . "5-FLUORO-2'-DEOXYURIDINE-5'-MONOPHOSPHATE" ? 'C9 H12 F N2 O8 P' 326.172 
# 
loop_
_pdbx_poly_seq_scheme.asym_id 
_pdbx_poly_seq_scheme.entity_id 
_pdbx_poly_seq_scheme.seq_id 
_pdbx_poly_seq_scheme.mon_id 
_pdbx_poly_seq_scheme.ndb_seq_num 
_pdbx_poly_seq_scheme.pdb_seq_num 
_pdbx_poly_seq_scheme.auth_seq_num 
_pdbx_poly_seq_scheme.pdb_mon_id 
_pdbx_poly_seq_scheme.auth_mon_id 
_pdbx_poly_seq_scheme.pdb_strand_id 
_pdbx_poly_seq_scheme.pdb_ins_code 
_pdbx_poly_seq_scheme.hetero 
A 1 1 DC  1 1  1  DC  C  A . n 
A 1 2 DG  2 2  2  DG  G  A . n 
A 1 3 DC  3 3  3  DC  C  A . n 
A 1 4 DG  4 4  4  DG  G  A . n 
A 1 5 UFP 5 5  5  UFP +U A . n 
A 1 6 DG  6 6  6  DG  G  A . n 
B 1 1 DC  1 7  7  DC  C  B . n 
B 1 2 DG  2 8  8  DG  G  B . n 
B 1 3 DC  3 9  9  DC  C  B . n 
B 1 4 DG  4 10 10 DG  G  B . n 
B 1 5 UFP 5 11 11 UFP +U B . n 
B 1 6 DG  6 12 12 DG  G  B . n 
# 
loop_
_pdbx_nonpoly_scheme.asym_id 
_pdbx_nonpoly_scheme.entity_id 
_pdbx_nonpoly_scheme.mon_id 
_pdbx_nonpoly_scheme.ndb_seq_num 
_pdbx_nonpoly_scheme.pdb_seq_num 
_pdbx_nonpoly_scheme.auth_seq_num 
_pdbx_nonpoly_scheme.pdb_mon_id 
_pdbx_nonpoly_scheme.auth_mon_id 
_pdbx_nonpoly_scheme.pdb_strand_id 
_pdbx_nonpoly_scheme.pdb_ins_code 
C 2 MG  1  13 13 MG  MG  A . 
D 3 HOH 1  15 15 HOH HOH A . 
D 3 HOH 2  16 16 HOH HOH A . 
D 3 HOH 3  19 19 HOH HOH A . 
D 3 HOH 4  21 21 HOH HOH A . 
D 3 HOH 5  23 23 HOH HOH A . 
D 3 HOH 6  24 24 HOH HOH A . 
D 3 HOH 7  27 27 HOH HOH A . 
D 3 HOH 8  28 28 HOH HOH A . 
D 3 HOH 9  31 31 HOH HOH A . 
D 3 HOH 10 40 40 HOH HOH A . 
D 3 HOH 11 41 41 HOH HOH A . 
D 3 HOH 12 44 44 HOH HOH A . 
D 3 HOH 13 46 46 HOH HOH A . 
D 3 HOH 14 54 54 HOH HOH A . 
D 3 HOH 15 59 59 HOH HOH A . 
D 3 HOH 16 63 63 HOH HOH A . 
D 3 HOH 17 66 66 HOH HOH A . 
E 3 HOH 1  14 14 HOH HOH B . 
E 3 HOH 2  17 17 HOH HOH B . 
E 3 HOH 3  18 18 HOH HOH B . 
E 3 HOH 4  20 20 HOH HOH B . 
E 3 HOH 5  22 22 HOH HOH B . 
E 3 HOH 6  25 25 HOH HOH B . 
E 3 HOH 7  26 26 HOH HOH B . 
E 3 HOH 8  29 29 HOH HOH B . 
E 3 HOH 9  30 30 HOH HOH B . 
E 3 HOH 10 32 32 HOH HOH B . 
E 3 HOH 11 33 33 HOH HOH B . 
E 3 HOH 12 34 34 HOH HOH B . 
E 3 HOH 13 35 35 HOH HOH B . 
E 3 HOH 14 36 36 HOH HOH B . 
E 3 HOH 15 37 37 HOH HOH B . 
E 3 HOH 16 38 38 HOH HOH B . 
E 3 HOH 17 39 39 HOH HOH B . 
E 3 HOH 18 42 42 HOH HOH B . 
E 3 HOH 19 43 43 HOH HOH B . 
E 3 HOH 20 45 45 HOH HOH B . 
E 3 HOH 21 47 47 HOH HOH B . 
E 3 HOH 22 48 48 HOH HOH B . 
E 3 HOH 23 49 49 HOH HOH B . 
E 3 HOH 24 50 50 HOH HOH B . 
E 3 HOH 25 51 51 HOH HOH B . 
E 3 HOH 26 52 52 HOH HOH B . 
E 3 HOH 27 53 53 HOH HOH B . 
E 3 HOH 28 55 55 HOH HOH B . 
E 3 HOH 29 56 56 HOH HOH B . 
E 3 HOH 30 57 57 HOH HOH B . 
E 3 HOH 31 58 58 HOH HOH B . 
E 3 HOH 32 60 60 HOH HOH B . 
E 3 HOH 33 61 61 HOH HOH B . 
E 3 HOH 34 62 62 HOH HOH B . 
E 3 HOH 35 64 64 HOH HOH B . 
E 3 HOH 36 65 65 HOH HOH B . 
E 3 HOH 37 67 67 HOH HOH B . 
E 3 HOH 38 68 68 HOH HOH B . 
E 3 HOH 39 69 69 HOH HOH B . 
E 3 HOH 40 70 70 HOH HOH B . 
E 3 HOH 41 71 71 HOH HOH B . 
# 
_software.name             NUCLSQ 
_software.classification   refinement 
_software.version          . 
_software.citation_id      ? 
_software.pdbx_ordinal     1 
# 
_cell.entry_id           1DNF 
_cell.length_a           17.360 
_cell.length_b           31.150 
_cell.length_c           45.400 
_cell.angle_alpha        90.00 
_cell.angle_beta         90.00 
_cell.angle_gamma        90.00 
_cell.Z_PDB              8 
_cell.pdbx_unique_axis   ? 
# 
_symmetry.entry_id                         1DNF 
_symmetry.space_group_name_H-M             'P 21 21 21' 
_symmetry.pdbx_full_space_group_name_H-M   ? 
_symmetry.cell_setting                     ? 
_symmetry.Int_Tables_number                19 
# 
_exptl.entry_id          1DNF 
_exptl.method            'X-RAY DIFFRACTION' 
_exptl.crystals_number   ? 
# 
_exptl_crystal.id                    1 
_exptl_crystal.density_meas          ? 
_exptl_crystal.density_percent_sol   26.69 
_exptl_crystal.density_Matthews      1.68 
_exptl_crystal.description           ? 
# 
_exptl_crystal_grow.crystal_id      1 
_exptl_crystal_grow.method          'VAPOR DIFFUSION' 
_exptl_crystal_grow.temp            ? 
_exptl_crystal_grow.temp_details    ? 
_exptl_crystal_grow.pH              9.00 
_exptl_crystal_grow.pdbx_details    'pH 9.00, VAPOR DIFFUSION' 
_exptl_crystal_grow.pdbx_pH_range   ? 
# 
loop_
_exptl_crystal_grow_comp.crystal_id 
_exptl_crystal_grow_comp.id 
_exptl_crystal_grow_comp.sol_id 
_exptl_crystal_grow_comp.name 
_exptl_crystal_grow_comp.volume 
_exptl_crystal_grow_comp.conc 
_exptl_crystal_grow_comp.details 
1 1 1 WATER            ? ? ? 
1 2 1 MPD              ? ? ? 
1 3 1 BIS-TRIS-PROPANE ? ? ? 
1 4 1 MGCL2            ? ? ? 
1 5 1 SPERMINE         ? ? ? 
1 6 2 WATER            ? ? ? 
1 7 2 MPD              ? ? ? 
# 
_diffrn.id                     1 
_diffrn.ambient_temp           293.00 
_diffrn.ambient_temp_details   ? 
_diffrn.crystal_id             1 
# 
_diffrn_detector.diffrn_id              1 
_diffrn_detector.detector               DIFFRACTOMETER 
_diffrn_detector.type                   'NICOLET P3' 
_diffrn_detector.pdbx_collection_date   ? 
_diffrn_detector.details                ? 
# 
_diffrn_radiation.diffrn_id                        1 
_diffrn_radiation.wavelength_id                    1 
_diffrn_radiation.pdbx_monochromatic_or_laue_m_l   M 
_diffrn_radiation.monochromator                    ? 
_diffrn_radiation.pdbx_diffrn_protocol             'SINGLE WAVELENGTH' 
_diffrn_radiation.pdbx_scattering_type             x-ray 
# 
_diffrn_radiation_wavelength.id           1 
_diffrn_radiation_wavelength.wavelength   . 
_diffrn_radiation_wavelength.wt           1.0 
# 
_diffrn_source.diffrn_id                   1 
_diffrn_source.source                      ? 
_diffrn_source.type                        ? 
_diffrn_source.pdbx_synchrotron_site       ? 
_diffrn_source.pdbx_synchrotron_beamline   ? 
_diffrn_source.pdbx_wavelength             ? 
_diffrn_source.pdbx_wavelength_list        ? 
# 
_reflns.entry_id                     1DNF 
_reflns.observed_criterion_sigma_I   ? 
_reflns.observed_criterion_sigma_F   2.000 
_reflns.d_resolution_low             ? 
_reflns.d_resolution_high            1.500 
_reflns.number_obs                   2770 
_reflns.number_all                   ? 
_reflns.percent_possible_obs         ? 
_reflns.pdbx_Rmerge_I_obs            ? 
_reflns.pdbx_Rsym_value              ? 
_reflns.pdbx_netI_over_sigmaI        ? 
_reflns.B_iso_Wilson_estimate        ? 
_reflns.pdbx_redundancy              ? 
_reflns.R_free_details               ? 
_reflns.pdbx_diffrn_id               1 
_reflns.pdbx_ordinal                 1 
# 
_refine.entry_id                                 1DNF 
_refine.ls_number_reflns_obs                     2770 
_refine.ls_number_reflns_all                     ? 
_refine.pdbx_ls_sigma_I                          ? 
_refine.pdbx_ls_sigma_F                          2.000 
_refine.pdbx_data_cutoff_high_absF               ? 
_refine.pdbx_data_cutoff_low_absF                ? 
_refine.pdbx_data_cutoff_high_rms_absF           ? 
_refine.ls_d_res_low                             ? 
_refine.ls_d_res_high                            1.500 
_refine.ls_percent_reflns_obs                    ? 
_refine.ls_R_factor_obs                          0.172 
_refine.ls_R_factor_all                          ? 
_refine.ls_R_factor_R_work                       ? 
_refine.ls_R_factor_R_free                       ? 
_refine.ls_R_factor_R_free_error                 ? 
_refine.ls_R_factor_R_free_error_details         ? 
_refine.ls_percent_reflns_R_free                 ? 
_refine.ls_number_reflns_R_free                  ? 
_refine.ls_number_parameters                     ? 
_refine.ls_number_restraints                     ? 
_refine.occupancy_min                            ? 
_refine.occupancy_max                            ? 
_refine.B_iso_mean                               ? 
_refine.aniso_B[1][1]                            ? 
_refine.aniso_B[2][2]                            ? 
_refine.aniso_B[3][3]                            ? 
_refine.aniso_B[1][2]                            ? 
_refine.aniso_B[1][3]                            ? 
_refine.aniso_B[2][3]                            ? 
_refine.solvent_model_details                    ? 
_refine.solvent_model_param_ksol                 ? 
_refine.solvent_model_param_bsol                 ? 
_refine.pdbx_ls_cross_valid_method               ? 
_refine.details                                  ? 
_refine.pdbx_starting_model                      ? 
_refine.pdbx_method_to_determine_struct          ? 
_refine.pdbx_isotropic_thermal_model             ? 
_refine.pdbx_stereochemistry_target_values       ? 
_refine.pdbx_stereochem_target_val_spec_case     ? 
_refine.pdbx_R_Free_selection_details            ? 
_refine.pdbx_overall_ESU_R                       ? 
_refine.pdbx_overall_ESU_R_Free                  ? 
_refine.overall_SU_ML                            ? 
_refine.overall_SU_B                             ? 
_refine.ls_redundancy_reflns_obs                 ? 
_refine.correlation_coeff_Fo_to_Fc               ? 
_refine.correlation_coeff_Fo_to_Fc_free          ? 
_refine.overall_SU_R_Cruickshank_DPI             ? 
_refine.overall_SU_R_free                        ? 
_refine.pdbx_refine_id                           'X-RAY DIFFRACTION' 
_refine.pdbx_diffrn_id                           1 
_refine.pdbx_TLS_residual_ADP_flag               ? 
_refine.pdbx_solvent_vdw_probe_radii             ? 
_refine.pdbx_solvent_ion_probe_radii             ? 
_refine.pdbx_solvent_shrinkage_radii             ? 
_refine.pdbx_overall_phase_error                 ? 
_refine.pdbx_overall_SU_R_free_Cruickshank_DPI   ? 
_refine.pdbx_overall_SU_R_Blow_DPI               ? 
_refine.pdbx_overall_SU_R_free_Blow_DPI          ? 
# 
_refine_hist.pdbx_refine_id                   'X-RAY DIFFRACTION' 
_refine_hist.cycle_id                         LAST 
_refine_hist.pdbx_number_atoms_protein        0 
_refine_hist.pdbx_number_atoms_nucleic_acid   240 
_refine_hist.pdbx_number_atoms_ligand         3 
_refine_hist.number_atoms_solvent             58 
_refine_hist.number_atoms_total               301 
_refine_hist.d_res_high                       1.500 
_refine_hist.d_res_low                        . 
# 
loop_
_refine_ls_restr.type 
_refine_ls_restr.dev_ideal 
_refine_ls_restr.dev_ideal_target 
_refine_ls_restr.weight 
_refine_ls_restr.number 
_refine_ls_restr.pdbx_refine_id 
_refine_ls_restr.pdbx_restraint_function 
n_bond_d               0.028 ? ? ? 'X-RAY DIFFRACTION' ? 
n_angle_d              0.037 ? ? ? 'X-RAY DIFFRACTION' ? 
n_planar_d             ?     ? ? ? 'X-RAY DIFFRACTION' ? 
n_hb_or_metal_coord    ?     ? ? ? 'X-RAY DIFFRACTION' ? 
n_sugar_bond_it        ?     ? ? ? 'X-RAY DIFFRACTION' ? 
n_sugar_angle_it       ?     ? ? ? 'X-RAY DIFFRACTION' ? 
n_phos_bond_it         ?     ? ? ? 'X-RAY DIFFRACTION' ? 
n_phos_angle_it        ?     ? ? ? 'X-RAY DIFFRACTION' ? 
n_bond_angle_restr     ?     ? ? ? 'X-RAY DIFFRACTION' ? 
n_dihedral_angle_restr ?     ? ? ? 'X-RAY DIFFRACTION' ? 
n_impr_tor             ?     ? ? ? 'X-RAY DIFFRACTION' ? 
n_sugar_bond_d         ?     ? ? ? 'X-RAY DIFFRACTION' ? 
n_sugar_bond_angle_d   ?     ? ? ? 'X-RAY DIFFRACTION' ? 
n_phos_bond_d          ?     ? ? ? 'X-RAY DIFFRACTION' ? 
n_phos_bond_angle_d    ?     ? ? ? 'X-RAY DIFFRACTION' ? 
n_plane_restr          ?     ? ? ? 'X-RAY DIFFRACTION' ? 
n_chiral_restr         ?     ? ? ? 'X-RAY DIFFRACTION' ? 
n_singtor_nbd          ?     ? ? ? 'X-RAY DIFFRACTION' ? 
n_multtor_nbd          ?     ? ? ? 'X-RAY DIFFRACTION' ? 
n_xhyhbond_nbd         ?     ? ? ? 'X-RAY DIFFRACTION' ? 
# 
_struct.entry_id                  1DNF 
_struct.title                     
'EFFECTS OF 5-FLUOROURACIL/GUANINE WOBBLE BASE PAIRS IN Z-DNA. MOLECULAR AND CRYSTAL STRUCTURE OF D(CGCGFG)' 
_struct.pdbx_model_details        ? 
_struct.pdbx_CASP_flag            ? 
_struct.pdbx_model_type_details   ? 
# 
_struct_keywords.entry_id        1DNF 
_struct_keywords.pdbx_keywords   DNA 
_struct_keywords.text            'Z-DNA, DOUBLE HELIX, MODIFIED, MISMATCHED, DNA' 
# 
loop_
_struct_asym.id 
_struct_asym.pdbx_blank_PDB_chainid_flag 
_struct_asym.pdbx_modified 
_struct_asym.entity_id 
_struct_asym.details 
A N N 1 ? 
B N N 1 ? 
C N N 2 ? 
D N N 3 ? 
E N N 3 ? 
# 
_struct_ref.id                         1 
_struct_ref.entity_id                  1 
_struct_ref.db_name                    PDB 
_struct_ref.db_code                    1DNF 
_struct_ref.pdbx_db_accession          1DNF 
_struct_ref.pdbx_db_isoform            ? 
_struct_ref.pdbx_seq_one_letter_code   ? 
_struct_ref.pdbx_align_begin           ? 
# 
loop_
_struct_ref_seq.align_id 
_struct_ref_seq.ref_id 
_struct_ref_seq.pdbx_PDB_id_code 
_struct_ref_seq.pdbx_strand_id 
_struct_ref_seq.seq_align_beg 
_struct_ref_seq.pdbx_seq_align_beg_ins_code 
_struct_ref_seq.seq_align_end 
_struct_ref_seq.pdbx_seq_align_end_ins_code 
_struct_ref_seq.pdbx_db_accession 
_struct_ref_seq.db_align_beg 
_struct_ref_seq.pdbx_db_align_beg_ins_code 
_struct_ref_seq.db_align_end 
_struct_ref_seq.pdbx_db_align_end_ins_code 
_struct_ref_seq.pdbx_auth_seq_align_beg 
_struct_ref_seq.pdbx_auth_seq_align_end 
1 1 1DNF A 1 ? 6 ? 1DNF 1 ? 6  ? 1 6  
2 1 1DNF B 1 ? 6 ? 1DNF 7 ? 12 ? 7 12 
# 
_pdbx_struct_assembly.id                   1 
_pdbx_struct_assembly.details              author_defined_assembly 
_pdbx_struct_assembly.method_details       ? 
_pdbx_struct_assembly.oligomeric_details   dimeric 
_pdbx_struct_assembly.oligomeric_count     2 
# 
_pdbx_struct_assembly_gen.assembly_id       1 
_pdbx_struct_assembly_gen.oper_expression   1 
_pdbx_struct_assembly_gen.asym_id_list      A,B,C,D,E 
# 
_pdbx_struct_oper_list.id                   1 
_pdbx_struct_oper_list.type                 'identity operation' 
_pdbx_struct_oper_list.name                 1_555 
_pdbx_struct_oper_list.symmetry_operation   x,y,z 
_pdbx_struct_oper_list.matrix[1][1]         1.0000000000 
_pdbx_struct_oper_list.matrix[1][2]         0.0000000000 
_pdbx_struct_oper_list.matrix[1][3]         0.0000000000 
_pdbx_struct_oper_list.vector[1]            0.0000000000 
_pdbx_struct_oper_list.matrix[2][1]         0.0000000000 
_pdbx_struct_oper_list.matrix[2][2]         1.0000000000 
_pdbx_struct_oper_list.matrix[2][3]         0.0000000000 
_pdbx_struct_oper_list.vector[2]            0.0000000000 
_pdbx_struct_oper_list.matrix[3][1]         0.0000000000 
_pdbx_struct_oper_list.matrix[3][2]         0.0000000000 
_pdbx_struct_oper_list.matrix[3][3]         1.0000000000 
_pdbx_struct_oper_list.vector[3]            0.0000000000 
# 
_struct_biol.id                    1 
_struct_biol.pdbx_parent_biol_id   ? 
_struct_biol.details               ? 
# 
loop_
_struct_conn.id 
_struct_conn.conn_type_id 
_struct_conn.pdbx_leaving_atom_flag 
_struct_conn.pdbx_PDB_id 
_struct_conn.ptnr1_label_asym_id 
_struct_conn.ptnr1_label_comp_id 
_struct_conn.ptnr1_label_seq_id 
_struct_conn.ptnr1_label_atom_id 
_struct_conn.pdbx_ptnr1_label_alt_id 
_struct_conn.pdbx_ptnr1_PDB_ins_code 
_struct_conn.pdbx_ptnr1_standard_comp_id 
_struct_conn.ptnr1_symmetry 
_struct_conn.ptnr2_label_asym_id 
_struct_conn.ptnr2_label_comp_id 
_struct_conn.ptnr2_label_seq_id 
_struct_conn.ptnr2_label_atom_id 
_struct_conn.pdbx_ptnr2_label_alt_id 
_struct_conn.pdbx_ptnr2_PDB_ins_code 
_struct_conn.ptnr1_auth_asym_id 
_struct_conn.ptnr1_auth_comp_id 
_struct_conn.ptnr1_auth_seq_id 
_struct_conn.ptnr2_auth_asym_id 
_struct_conn.ptnr2_auth_comp_id 
_struct_conn.ptnr2_auth_seq_id 
_struct_conn.ptnr2_symmetry 
_struct_conn.pdbx_ptnr3_label_atom_id 
_struct_conn.pdbx_ptnr3_label_seq_id 
_struct_conn.pdbx_ptnr3_label_comp_id 
_struct_conn.pdbx_ptnr3_label_asym_id 
_struct_conn.pdbx_ptnr3_label_alt_id 
_struct_conn.pdbx_ptnr3_PDB_ins_code 
_struct_conn.details 
_struct_conn.pdbx_dist_value 
_struct_conn.pdbx_value_order 
_struct_conn.pdbx_role 
covale1  covale both ? A DG  4 "O3'" ? ? ? 1_555 A UFP 5 P  ? ? A DG  4  A UFP 5  1_555 ? ? ? ? ? ? ?            1.626 ? ? 
covale2  covale one  ? A UFP 5 "O3'" ? ? ? 1_555 A DG  6 P  ? ? A UFP 5  A DG  6  1_555 ? ? ? ? ? ? ?            1.577 ? ? 
covale3  covale both ? B DG  4 "O3'" ? ? ? 1_555 B UFP 5 P  ? ? B DG  10 B UFP 11 1_555 ? ? ? ? ? ? ?            1.593 ? ? 
covale4  covale one  ? B UFP 5 "O3'" ? ? ? 1_555 B DG  6 P  ? ? B UFP 11 B DG  12 1_555 ? ? ? ? ? ? ?            1.542 ? ? 
metalc1  metalc ?    ? C MG  . MG    ? ? ? 1_555 D HOH . O  ? ? A MG  13 A HOH 15 1_555 ? ? ? ? ? ? ?            1.942 ? ? 
metalc2  metalc ?    ? C MG  . MG    ? ? ? 1_555 D HOH . O  ? ? A MG  13 A HOH 16 1_555 ? ? ? ? ? ? ?            2.038 ? ? 
metalc3  metalc ?    ? C MG  . MG    ? ? ? 1_555 D HOH . O  ? ? A MG  13 A HOH 19 4_456 ? ? ? ? ? ? ?            1.921 ? ? 
metalc4  metalc ?    ? C MG  . MG    ? ? ? 1_555 E HOH . O  ? ? A MG  13 B HOH 14 4_456 ? ? ? ? ? ? ?            2.070 ? ? 
metalc5  metalc ?    ? C MG  . MG    ? ? ? 1_555 E HOH . O  ? ? A MG  13 B HOH 17 4_456 ? ? ? ? ? ? ?            1.959 ? ? 
metalc6  metalc ?    ? C MG  . MG    ? ? ? 1_555 E HOH . O  ? ? A MG  13 B HOH 18 4_456 ? ? ? ? ? ? ?            2.035 ? ? 
hydrog1  hydrog ?    ? A DC  1 N3    ? ? ? 1_555 B DG  6 N1 ? ? A DC  1  B DG  12 1_555 ? ? ? ? ? ? WATSON-CRICK ?     ? ? 
hydrog2  hydrog ?    ? A DC  1 N4    ? ? ? 1_555 B DG  6 O6 ? ? A DC  1  B DG  12 1_555 ? ? ? ? ? ? WATSON-CRICK ?     ? ? 
hydrog3  hydrog ?    ? A DC  1 O2    ? ? ? 1_555 B DG  6 N2 ? ? A DC  1  B DG  12 1_555 ? ? ? ? ? ? WATSON-CRICK ?     ? ? 
hydrog4  hydrog ?    ? A DC  3 N3    ? ? ? 1_555 B DG  4 N1 ? ? A DC  3  B DG  10 1_555 ? ? ? ? ? ? WATSON-CRICK ?     ? ? 
hydrog5  hydrog ?    ? A DC  3 N4    ? ? ? 1_555 B DG  4 O6 ? ? A DC  3  B DG  10 1_555 ? ? ? ? ? ? WATSON-CRICK ?     ? ? 
hydrog6  hydrog ?    ? A DC  3 O2    ? ? ? 1_555 B DG  4 N2 ? ? A DC  3  B DG  10 1_555 ? ? ? ? ? ? WATSON-CRICK ?     ? ? 
hydrog7  hydrog ?    ? A DG  4 N1    ? ? ? 1_555 B DC  3 N3 ? ? A DG  4  B DC  9  1_555 ? ? ? ? ? ? WATSON-CRICK ?     ? ? 
hydrog8  hydrog ?    ? A DG  4 N2    ? ? ? 1_555 B DC  3 O2 ? ? A DG  4  B DC  9  1_555 ? ? ? ? ? ? WATSON-CRICK ?     ? ? 
hydrog9  hydrog ?    ? A DG  4 O6    ? ? ? 1_555 B DC  3 N4 ? ? A DG  4  B DC  9  1_555 ? ? ? ? ? ? WATSON-CRICK ?     ? ? 
hydrog10 hydrog ?    ? A DG  6 N1    ? ? ? 1_555 B DC  1 N3 ? ? A DG  6  B DC  7  1_555 ? ? ? ? ? ? WATSON-CRICK ?     ? ? 
hydrog11 hydrog ?    ? A DG  6 N2    ? ? ? 1_555 B DC  1 O2 ? ? A DG  6  B DC  7  1_555 ? ? ? ? ? ? WATSON-CRICK ?     ? ? 
hydrog12 hydrog ?    ? A DG  6 O6    ? ? ? 1_555 B DC  1 N4 ? ? A DG  6  B DC  7  1_555 ? ? ? ? ? ? WATSON-CRICK ?     ? ? 
# 
loop_
_struct_conn_type.id 
_struct_conn_type.criteria 
_struct_conn_type.reference 
covale ? ? 
metalc ? ? 
hydrog ? ? 
# 
loop_
_pdbx_struct_conn_angle.id 
_pdbx_struct_conn_angle.ptnr1_label_atom_id 
_pdbx_struct_conn_angle.ptnr1_label_alt_id 
_pdbx_struct_conn_angle.ptnr1_label_asym_id 
_pdbx_struct_conn_angle.ptnr1_label_comp_id 
_pdbx_struct_conn_angle.ptnr1_label_seq_id 
_pdbx_struct_conn_angle.ptnr1_auth_atom_id 
_pdbx_struct_conn_angle.ptnr1_auth_asym_id 
_pdbx_struct_conn_angle.ptnr1_auth_comp_id 
_pdbx_struct_conn_angle.ptnr1_auth_seq_id 
_pdbx_struct_conn_angle.ptnr1_PDB_ins_code 
_pdbx_struct_conn_angle.ptnr1_symmetry 
_pdbx_struct_conn_angle.ptnr2_label_atom_id 
_pdbx_struct_conn_angle.ptnr2_label_alt_id 
_pdbx_struct_conn_angle.ptnr2_label_asym_id 
_pdbx_struct_conn_angle.ptnr2_label_comp_id 
_pdbx_struct_conn_angle.ptnr2_label_seq_id 
_pdbx_struct_conn_angle.ptnr2_auth_atom_id 
_pdbx_struct_conn_angle.ptnr2_auth_asym_id 
_pdbx_struct_conn_angle.ptnr2_auth_comp_id 
_pdbx_struct_conn_angle.ptnr2_auth_seq_id 
_pdbx_struct_conn_angle.ptnr2_PDB_ins_code 
_pdbx_struct_conn_angle.ptnr2_symmetry 
_pdbx_struct_conn_angle.ptnr3_label_atom_id 
_pdbx_struct_conn_angle.ptnr3_label_alt_id 
_pdbx_struct_conn_angle.ptnr3_label_asym_id 
_pdbx_struct_conn_angle.ptnr3_label_comp_id 
_pdbx_struct_conn_angle.ptnr3_label_seq_id 
_pdbx_struct_conn_angle.ptnr3_auth_atom_id 
_pdbx_struct_conn_angle.ptnr3_auth_asym_id 
_pdbx_struct_conn_angle.ptnr3_auth_comp_id 
_pdbx_struct_conn_angle.ptnr3_auth_seq_id 
_pdbx_struct_conn_angle.ptnr3_PDB_ins_code 
_pdbx_struct_conn_angle.ptnr3_symmetry 
_pdbx_struct_conn_angle.value 
_pdbx_struct_conn_angle.value_esd 
1  O ? D HOH . ? A HOH 15 ? 1_555 MG ? C MG . ? A MG 13 ? 1_555 O ? D HOH . ? A HOH 16 ? 1_555 89.2  ? 
2  O ? D HOH . ? A HOH 15 ? 1_555 MG ? C MG . ? A MG 13 ? 1_555 O ? D HOH . ? A HOH 19 ? 4_456 98.1  ? 
3  O ? D HOH . ? A HOH 16 ? 1_555 MG ? C MG . ? A MG 13 ? 1_555 O ? D HOH . ? A HOH 19 ? 4_456 91.7  ? 
4  O ? D HOH . ? A HOH 15 ? 1_555 MG ? C MG . ? A MG 13 ? 1_555 O ? E HOH . ? B HOH 14 ? 4_456 176.0 ? 
5  O ? D HOH . ? A HOH 16 ? 1_555 MG ? C MG . ? A MG 13 ? 1_555 O ? E HOH . ? B HOH 14 ? 4_456 89.5  ? 
6  O ? D HOH . ? A HOH 19 ? 4_456 MG ? C MG . ? A MG 13 ? 1_555 O ? E HOH . ? B HOH 14 ? 4_456 85.7  ? 
7  O ? D HOH . ? A HOH 15 ? 1_555 MG ? C MG . ? A MG 13 ? 1_555 O ? E HOH . ? B HOH 17 ? 4_456 90.2  ? 
8  O ? D HOH . ? A HOH 16 ? 1_555 MG ? C MG . ? A MG 13 ? 1_555 O ? E HOH . ? B HOH 17 ? 4_456 178.3 ? 
9  O ? D HOH . ? A HOH 19 ? 4_456 MG ? C MG . ? A MG 13 ? 1_555 O ? E HOH . ? B HOH 17 ? 4_456 89.9  ? 
10 O ? E HOH . ? B HOH 14 ? 4_456 MG ? C MG . ? A MG 13 ? 1_555 O ? E HOH . ? B HOH 17 ? 4_456 91.0  ? 
11 O ? D HOH . ? A HOH 15 ? 1_555 MG ? C MG . ? A MG 13 ? 1_555 O ? E HOH . ? B HOH 18 ? 4_456 88.6  ? 
12 O ? D HOH . ? A HOH 16 ? 1_555 MG ? C MG . ? A MG 13 ? 1_555 O ? E HOH . ? B HOH 18 ? 4_456 88.6  ? 
13 O ? D HOH . ? A HOH 19 ? 4_456 MG ? C MG . ? A MG 13 ? 1_555 O ? E HOH . ? B HOH 18 ? 4_456 173.2 ? 
14 O ? E HOH . ? B HOH 14 ? 4_456 MG ? C MG . ? A MG 13 ? 1_555 O ? E HOH . ? B HOH 18 ? 4_456 87.6  ? 
15 O ? E HOH . ? B HOH 17 ? 4_456 MG ? C MG . ? A MG 13 ? 1_555 O ? E HOH . ? B HOH 18 ? 4_456 89.8  ? 
# 
_struct_site.id                   AC1 
_struct_site.pdbx_evidence_code   Software 
_struct_site.pdbx_auth_asym_id    A 
_struct_site.pdbx_auth_comp_id    MG 
_struct_site.pdbx_auth_seq_id     13 
_struct_site.pdbx_auth_ins_code   ? 
_struct_site.pdbx_num_residues    6 
_struct_site.details              'BINDING SITE FOR RESIDUE MG A 13' 
# 
loop_
_struct_site_gen.id 
_struct_site_gen.site_id 
_struct_site_gen.pdbx_num_res 
_struct_site_gen.label_comp_id 
_struct_site_gen.label_asym_id 
_struct_site_gen.label_seq_id 
_struct_site_gen.pdbx_auth_ins_code 
_struct_site_gen.auth_comp_id 
_struct_site_gen.auth_asym_id 
_struct_site_gen.auth_seq_id 
_struct_site_gen.label_atom_id 
_struct_site_gen.label_alt_id 
_struct_site_gen.symmetry 
_struct_site_gen.details 
1 AC1 6 HOH D . ? HOH A 15 . ? 1_555 ? 
2 AC1 6 HOH D . ? HOH A 16 . ? 1_555 ? 
3 AC1 6 HOH D . ? HOH A 19 . ? 4_456 ? 
4 AC1 6 HOH E . ? HOH B 14 . ? 4_456 ? 
5 AC1 6 HOH E . ? HOH B 17 . ? 4_456 ? 
6 AC1 6 HOH E . ? HOH B 18 . ? 4_456 ? 
# 
_pdbx_validate_close_contact.id               1 
_pdbx_validate_close_contact.PDB_model_num    1 
_pdbx_validate_close_contact.auth_atom_id_1   O 
_pdbx_validate_close_contact.auth_asym_id_1   B 
_pdbx_validate_close_contact.auth_comp_id_1   HOH 
_pdbx_validate_close_contact.auth_seq_id_1    47 
_pdbx_validate_close_contact.PDB_ins_code_1   ? 
_pdbx_validate_close_contact.label_alt_id_1   ? 
_pdbx_validate_close_contact.auth_atom_id_2   O 
_pdbx_validate_close_contact.auth_asym_id_2   B 
_pdbx_validate_close_contact.auth_comp_id_2   HOH 
_pdbx_validate_close_contact.auth_seq_id_2    71 
_pdbx_validate_close_contact.PDB_ins_code_2   ? 
_pdbx_validate_close_contact.label_alt_id_2   ? 
_pdbx_validate_close_contact.dist             1.74 
# 
loop_
_pdbx_validate_symm_contact.id 
_pdbx_validate_symm_contact.PDB_model_num 
_pdbx_validate_symm_contact.auth_atom_id_1 
_pdbx_validate_symm_contact.auth_asym_id_1 
_pdbx_validate_symm_contact.auth_comp_id_1 
_pdbx_validate_symm_contact.auth_seq_id_1 
_pdbx_validate_symm_contact.PDB_ins_code_1 
_pdbx_validate_symm_contact.label_alt_id_1 
_pdbx_validate_symm_contact.site_symmetry_1 
_pdbx_validate_symm_contact.auth_atom_id_2 
_pdbx_validate_symm_contact.auth_asym_id_2 
_pdbx_validate_symm_contact.auth_comp_id_2 
_pdbx_validate_symm_contact.auth_seq_id_2 
_pdbx_validate_symm_contact.PDB_ins_code_2 
_pdbx_validate_symm_contact.label_alt_id_2 
_pdbx_validate_symm_contact.site_symmetry_2 
_pdbx_validate_symm_contact.dist 
1 1 OP2 B DC  9  ? ? 1_555 O A HOH 54 ? ? 2_665 2.01 
2 1 O   A HOH 31 ? ? 1_555 O B HOH 42 ? ? 4_556 2.14 
# 
loop_
_pdbx_validate_rmsd_bond.id 
_pdbx_validate_rmsd_bond.PDB_model_num 
_pdbx_validate_rmsd_bond.auth_atom_id_1 
_pdbx_validate_rmsd_bond.auth_asym_id_1 
_pdbx_validate_rmsd_bond.auth_comp_id_1 
_pdbx_validate_rmsd_bond.auth_seq_id_1 
_pdbx_validate_rmsd_bond.PDB_ins_code_1 
_pdbx_validate_rmsd_bond.label_alt_id_1 
_pdbx_validate_rmsd_bond.auth_atom_id_2 
_pdbx_validate_rmsd_bond.auth_asym_id_2 
_pdbx_validate_rmsd_bond.auth_comp_id_2 
_pdbx_validate_rmsd_bond.auth_seq_id_2 
_pdbx_validate_rmsd_bond.PDB_ins_code_2 
_pdbx_validate_rmsd_bond.label_alt_id_2 
_pdbx_validate_rmsd_bond.bond_value 
_pdbx_validate_rmsd_bond.bond_target_value 
_pdbx_validate_rmsd_bond.bond_deviation 
_pdbx_validate_rmsd_bond.bond_standard_deviation 
_pdbx_validate_rmsd_bond.linker_flag 
1  1 "O4'" A DG 2  ? ? "C4'" A DG 2  ? ? 1.386 1.446 -0.060 0.010 N 
2  1 "O4'" A DC 3  ? ? "C1'" A DC 3  ? ? 1.497 1.420 0.077  0.011 N 
3  1 "O4'" A DC 3  ? ? "C4'" A DC 3  ? ? 1.385 1.446 -0.061 0.010 N 
4  1 "O3'" A DC 3  ? ? "C3'" A DC 3  ? ? 1.382 1.419 -0.037 0.006 N 
5  1 N3    A DC 3  ? ? C4    A DC 3  ? ? 1.387 1.335 0.052  0.007 N 
6  1 "C2'" A DG 4  ? ? "C1'" A DG 4  ? ? 1.452 1.518 -0.066 0.010 N 
7  1 "O4'" A DG 4  ? ? "C1'" A DG 4  ? ? 1.491 1.420 0.071  0.011 N 
8  1 "O4'" A DG 4  ? ? "C4'" A DG 4  ? ? 1.363 1.446 -0.083 0.010 N 
9  1 N1    A DG 4  ? ? C2    A DG 4  ? ? 1.312 1.373 -0.061 0.008 N 
10 1 N7    A DG 4  ? ? C8    A DG 4  ? ? 1.251 1.305 -0.054 0.006 N 
11 1 "O4'" A DG 6  ? ? "C4'" A DG 6  ? ? 1.385 1.446 -0.061 0.010 N 
12 1 N7    A DG 6  ? ? C8    A DG 6  ? ? 1.260 1.305 -0.045 0.006 N 
13 1 C2    B DC 7  ? ? O2    B DC 7  ? ? 1.156 1.240 -0.084 0.009 N 
14 1 C5    B DC 7  ? ? C6    B DC 7  ? ? 1.408 1.339 0.069  0.008 N 
15 1 "C3'" B DG 8  ? ? "C2'" B DG 8  ? ? 1.457 1.516 -0.059 0.008 N 
16 1 N3    B DG 8  ? ? C4    B DG 8  ? ? 1.286 1.350 -0.064 0.007 N 
17 1 C4    B DG 8  ? ? C5    B DG 8  ? ? 1.426 1.379 0.047  0.007 N 
18 1 C6    B DG 8  ? ? N1    B DG 8  ? ? 1.347 1.391 -0.044 0.007 N 
19 1 C6    B DG 8  ? ? O6    B DG 8  ? ? 1.300 1.237 0.063  0.009 N 
20 1 "O3'" B DG 8  ? ? P     B DC 9  ? ? 1.458 1.607 -0.149 0.012 Y 
21 1 P     B DC 9  ? ? OP2   B DC 9  ? ? 1.781 1.485 0.296  0.017 N 
22 1 N1    B DC 9  ? ? C6    B DC 9  ? ? 1.411 1.367 0.044  0.006 N 
23 1 "O4'" B DG 10 ? ? "C4'" B DG 10 ? ? 1.364 1.446 -0.082 0.010 N 
24 1 N1    B DG 10 ? ? C2    B DG 10 ? ? 1.320 1.373 -0.053 0.008 N 
25 1 "O3'" B DG 12 ? ? "C3'" B DG 12 ? ? 1.526 1.435 0.091  0.013 N 
26 1 C6    B DG 12 ? ? N1    B DG 12 ? ? 1.348 1.391 -0.043 0.007 N 
# 
loop_
_pdbx_validate_rmsd_angle.id 
_pdbx_validate_rmsd_angle.PDB_model_num 
_pdbx_validate_rmsd_angle.auth_atom_id_1 
_pdbx_validate_rmsd_angle.auth_asym_id_1 
_pdbx_validate_rmsd_angle.auth_comp_id_1 
_pdbx_validate_rmsd_angle.auth_seq_id_1 
_pdbx_validate_rmsd_angle.PDB_ins_code_1 
_pdbx_validate_rmsd_angle.label_alt_id_1 
_pdbx_validate_rmsd_angle.auth_atom_id_2 
_pdbx_validate_rmsd_angle.auth_asym_id_2 
_pdbx_validate_rmsd_angle.auth_comp_id_2 
_pdbx_validate_rmsd_angle.auth_seq_id_2 
_pdbx_validate_rmsd_angle.PDB_ins_code_2 
_pdbx_validate_rmsd_angle.label_alt_id_2 
_pdbx_validate_rmsd_angle.auth_atom_id_3 
_pdbx_validate_rmsd_angle.auth_asym_id_3 
_pdbx_validate_rmsd_angle.auth_comp_id_3 
_pdbx_validate_rmsd_angle.auth_seq_id_3 
_pdbx_validate_rmsd_angle.PDB_ins_code_3 
_pdbx_validate_rmsd_angle.label_alt_id_3 
_pdbx_validate_rmsd_angle.angle_value 
_pdbx_validate_rmsd_angle.angle_target_value 
_pdbx_validate_rmsd_angle.angle_deviation 
_pdbx_validate_rmsd_angle.angle_standard_deviation 
_pdbx_validate_rmsd_angle.linker_flag 
1  1 "O4'" A DC 1  ? ? "C1'" A DC 1  ? ? N1    A DC  1  ? ? 111.96 108.30 3.66   0.30 N 
2  1 N1    A DC 1  ? ? C2    A DC 1  ? ? O2    A DC  1  ? ? 128.09 118.90 9.19   0.60 N 
3  1 N3    A DC 1  ? ? C2    A DC 1  ? ? O2    A DC  1  ? ? 114.10 121.90 -7.80  0.70 N 
4  1 "O5'" A DG 2  ? ? "C5'" A DG 2  ? ? "C4'" A DG  2  ? ? 103.69 109.40 -5.71  0.80 N 
5  1 C6    A DG 2  ? ? N1    A DG 2  ? ? C2    A DG  2  ? ? 120.72 125.10 -4.38  0.60 N 
6  1 C2    A DG 2  ? ? N3    A DG 2  ? ? C4    A DG  2  ? ? 117.26 111.90 5.36   0.50 N 
7  1 N3    A DG 2  ? ? C4    A DG 2  ? ? C5    A DG  2  ? ? 124.68 128.60 -3.92  0.50 N 
8  1 C5    A DG 2  ? ? C6    A DG 2  ? ? N1    A DG  2  ? ? 115.89 111.50 4.39   0.50 N 
9  1 N1    A DG 2  ? ? C6    A DG 2  ? ? O6    A DG  2  ? ? 114.40 119.90 -5.50  0.60 N 
10 1 "O5'" A DG 4  ? ? "C5'" A DG 4  ? ? "C4'" A DG  4  ? ? 96.70  109.40 -12.70 0.80 N 
11 1 C8    A DG 4  ? ? N9    A DG 4  ? ? C4    A DG  4  ? ? 103.98 106.40 -2.42  0.40 N 
12 1 N1    A DG 4  ? ? C2    A DG 4  ? ? N2    A DG  4  ? ? 122.94 116.20 6.74   0.90 N 
13 1 N3    A DG 4  ? ? C2    A DG 4  ? ? N2    A DG  4  ? ? 111.68 119.90 -8.22  0.70 N 
14 1 "C3'" A DG 4  ? ? "O3'" A DG 4  ? ? P     A UFP 5  ? ? 128.61 119.70 8.91   1.20 Y 
15 1 C6    A DG 6  ? ? N1    A DG 6  ? ? C2    A DG  6  ? ? 117.31 125.10 -7.79  0.60 N 
16 1 N1    A DG 6  ? ? C2    A DG 6  ? ? N3    A DG  6  ? ? 129.22 123.90 5.32   0.60 N 
17 1 C5    A DG 6  ? ? C6    A DG 6  ? ? N1    A DG  6  ? ? 115.32 111.50 3.82   0.50 N 
18 1 N1    A DG 6  ? ? C6    A DG 6  ? ? O6    A DG  6  ? ? 114.85 119.90 -5.05  0.60 N 
19 1 C6    B DC 7  ? ? N1    B DC 7  ? ? C2    B DC  7  ? ? 125.59 120.30 5.29   0.40 N 
20 1 N1    B DC 7  ? ? C2    B DC 7  ? ? N3    B DC  7  ? ? 114.65 119.20 -4.55  0.70 N 
21 1 N1    B DC 7  ? ? C2    B DC 7  ? ? O2    B DC  7  ? ? 124.05 118.90 5.15   0.60 N 
22 1 "C3'" B DC 7  ? ? "O3'" B DC 7  ? ? P     B DG  8  ? ? 127.95 119.70 8.25   1.20 Y 
23 1 N1    B DG 8  ? ? C2    B DG 8  ? ? N3    B DG  8  ? ? 119.23 123.90 -4.67  0.60 N 
24 1 C2    B DG 8  ? ? N3    B DG 8  ? ? C4    B DG  8  ? ? 118.85 111.90 6.95   0.50 N 
25 1 N3    B DG 8  ? ? C4    B DG 8  ? ? C5    B DG  8  ? ? 124.64 128.60 -3.96  0.50 N 
26 1 C5    B DG 8  ? ? C6    B DG 8  ? ? N1    B DG  8  ? ? 117.13 111.50 5.63   0.50 N 
27 1 N3    B DG 8  ? ? C4    B DG 8  ? ? N9    B DG  8  ? ? 130.99 126.00 4.99   0.60 N 
28 1 C6    B DG 8  ? ? C5    B DG 8  ? ? N7    B DG  8  ? ? 134.65 130.40 4.25   0.60 N 
29 1 N1    B DG 8  ? ? C2    B DG 8  ? ? N2    B DG  8  ? ? 121.85 116.20 5.65   0.90 N 
30 1 N1    B DG 8  ? ? C6    B DG 8  ? ? O6    B DG  8  ? ? 113.86 119.90 -6.04  0.60 N 
31 1 "C3'" B DG 8  ? ? "O3'" B DG 8  ? ? P     B DC  9  ? ? 132.94 119.70 13.24  1.20 Y 
32 1 "O3'" B DG 8  ? ? P     B DC 9  ? ? "O5'" B DC  9  ? ? 121.78 104.00 17.78  1.90 Y 
33 1 "O3'" B DG 8  ? ? P     B DC 9  ? ? OP1   B DC  9  ? ? 120.98 110.50 10.48  1.10 Y 
34 1 OP1   B DC 9  ? ? P     B DC 9  ? ? OP2   B DC  9  ? ? 91.09  119.60 -28.51 1.50 N 
35 1 "O5'" B DC 9  ? ? P     B DC 9  ? ? OP2   B DC  9  ? ? 90.95  105.70 -14.75 0.90 N 
36 1 "O5'" B DC 9  ? ? "C5'" B DC 9  ? ? "C4'" B DC  9  ? ? 103.85 109.40 -5.55  0.80 N 
37 1 "O4'" B DC 9  ? ? "C1'" B DC 9  ? ? "C2'" B DC  9  ? ? 101.03 105.90 -4.87  0.80 N 
38 1 "O4'" B DC 9  ? ? "C1'" B DC 9  ? ? N1    B DC  9  ? ? 111.58 108.30 3.28   0.30 N 
39 1 C6    B DC 9  ? ? N1    B DC 9  ? ? C2    B DC  9  ? ? 117.66 120.30 -2.64  0.40 N 
40 1 N3    B DC 9  ? ? C4    B DC 9  ? ? C5    B DC  9  ? ? 118.82 121.90 -3.08  0.40 N 
41 1 "C3'" B DG 12 ? ? "C2'" B DG 12 ? ? "C1'" B DG  12 ? ? 96.64  102.40 -5.76  0.80 N 
42 1 "O4'" B DG 12 ? ? "C1'" B DG 12 ? ? N9    B DG  12 ? ? 110.53 108.30 2.23   0.30 N 
43 1 C2    B DG 12 ? ? N3    B DG 12 ? ? C4    B DG  12 ? ? 115.44 111.90 3.54   0.50 N 
44 1 C5    B DG 12 ? ? C6    B DG 12 ? ? N1    B DG  12 ? ? 115.60 111.50 4.10   0.50 N 
45 1 C4    B DG 12 ? ? C5    B DG 12 ? ? N7    B DG  12 ? ? 113.89 110.80 3.09   0.40 N 
46 1 N3    B DG 12 ? ? C4    B DG 12 ? ? N9    B DG  12 ? ? 129.96 126.00 3.96   0.60 N 
47 1 C5    B DG 12 ? ? C6    B DG 12 ? ? O6    B DG  12 ? ? 124.87 128.60 -3.73  0.60 N 
# 
loop_
_refine_B_iso.class 
_refine_B_iso.details 
_refine_B_iso.treatment 
_refine_B_iso.pdbx_refine_id 
'ALL ATOMS'  TR isotropic 'X-RAY DIFFRACTION' 
'ALL WATERS' TR isotropic 'X-RAY DIFFRACTION' 
# 
loop_
_refine_occupancy.class 
_refine_occupancy.treatment 
_refine_occupancy.pdbx_refine_id 
'ALL ATOMS'  fix 'X-RAY DIFFRACTION' 
'ALL WATERS' fix 'X-RAY DIFFRACTION' 
# 
loop_
_chem_comp_atom.comp_id 
_chem_comp_atom.atom_id 
_chem_comp_atom.type_symbol 
_chem_comp_atom.pdbx_aromatic_flag 
_chem_comp_atom.pdbx_stereo_config 
_chem_comp_atom.pdbx_ordinal 
DC  OP3    O  N N 1   
DC  P      P  N N 2   
DC  OP1    O  N N 3   
DC  OP2    O  N N 4   
DC  "O5'"  O  N N 5   
DC  "C5'"  C  N N 6   
DC  "C4'"  C  N R 7   
DC  "O4'"  O  N N 8   
DC  "C3'"  C  N S 9   
DC  "O3'"  O  N N 10  
DC  "C2'"  C  N N 11  
DC  "C1'"  C  N R 12  
DC  N1     N  N N 13  
DC  C2     C  N N 14  
DC  O2     O  N N 15  
DC  N3     N  N N 16  
DC  C4     C  N N 17  
DC  N4     N  N N 18  
DC  C5     C  N N 19  
DC  C6     C  N N 20  
DC  HOP3   H  N N 21  
DC  HOP2   H  N N 22  
DC  "H5'"  H  N N 23  
DC  "H5''" H  N N 24  
DC  "H4'"  H  N N 25  
DC  "H3'"  H  N N 26  
DC  "HO3'" H  N N 27  
DC  "H2'"  H  N N 28  
DC  "H2''" H  N N 29  
DC  "H1'"  H  N N 30  
DC  H41    H  N N 31  
DC  H42    H  N N 32  
DC  H5     H  N N 33  
DC  H6     H  N N 34  
DG  OP3    O  N N 35  
DG  P      P  N N 36  
DG  OP1    O  N N 37  
DG  OP2    O  N N 38  
DG  "O5'"  O  N N 39  
DG  "C5'"  C  N N 40  
DG  "C4'"  C  N R 41  
DG  "O4'"  O  N N 42  
DG  "C3'"  C  N S 43  
DG  "O3'"  O  N N 44  
DG  "C2'"  C  N N 45  
DG  "C1'"  C  N R 46  
DG  N9     N  Y N 47  
DG  C8     C  Y N 48  
DG  N7     N  Y N 49  
DG  C5     C  Y N 50  
DG  C6     C  N N 51  
DG  O6     O  N N 52  
DG  N1     N  N N 53  
DG  C2     C  N N 54  
DG  N2     N  N N 55  
DG  N3     N  N N 56  
DG  C4     C  Y N 57  
DG  HOP3   H  N N 58  
DG  HOP2   H  N N 59  
DG  "H5'"  H  N N 60  
DG  "H5''" H  N N 61  
DG  "H4'"  H  N N 62  
DG  "H3'"  H  N N 63  
DG  "HO3'" H  N N 64  
DG  "H2'"  H  N N 65  
DG  "H2''" H  N N 66  
DG  "H1'"  H  N N 67  
DG  H8     H  N N 68  
DG  H1     H  N N 69  
DG  H21    H  N N 70  
DG  H22    H  N N 71  
HOH O      O  N N 72  
HOH H1     H  N N 73  
HOH H2     H  N N 74  
MG  MG     MG N N 75  
UFP N1     N  N N 76  
UFP C2     C  N N 77  
UFP N3     N  N N 78  
UFP C4     C  N N 79  
UFP C5     C  N N 80  
UFP C6     C  N N 81  
UFP O2     O  N N 82  
UFP O4     O  N N 83  
UFP F5     F  N N 84  
UFP "C1'"  C  N R 85  
UFP "C2'"  C  N N 86  
UFP "C3'"  C  N S 87  
UFP "C4'"  C  N R 88  
UFP "O3'"  O  N N 89  
UFP "O4'"  O  N N 90  
UFP "C5'"  C  N N 91  
UFP "O5'"  O  N N 92  
UFP P      P  N N 93  
UFP O1P    O  N N 94  
UFP O2P    O  N N 95  
UFP O3P    O  N N 96  
UFP HN3    H  N N 97  
UFP H6     H  N N 98  
UFP "H1'"  H  N N 99  
UFP "H2'1" H  N N 100 
UFP "H2'2" H  N N 101 
UFP "H3'"  H  N N 102 
UFP "H4'"  H  N N 103 
UFP "HO3'" H  N N 104 
UFP "H5'1" H  N N 105 
UFP "H5'2" H  N N 106 
UFP HOP2   H  N N 107 
UFP HOP3   H  N N 108 
# 
loop_
_chem_comp_bond.comp_id 
_chem_comp_bond.atom_id_1 
_chem_comp_bond.atom_id_2 
_chem_comp_bond.value_order 
_chem_comp_bond.pdbx_aromatic_flag 
_chem_comp_bond.pdbx_stereo_config 
_chem_comp_bond.pdbx_ordinal 
DC  OP3   P      sing N N 1   
DC  OP3   HOP3   sing N N 2   
DC  P     OP1    doub N N 3   
DC  P     OP2    sing N N 4   
DC  P     "O5'"  sing N N 5   
DC  OP2   HOP2   sing N N 6   
DC  "O5'" "C5'"  sing N N 7   
DC  "C5'" "C4'"  sing N N 8   
DC  "C5'" "H5'"  sing N N 9   
DC  "C5'" "H5''" sing N N 10  
DC  "C4'" "O4'"  sing N N 11  
DC  "C4'" "C3'"  sing N N 12  
DC  "C4'" "H4'"  sing N N 13  
DC  "O4'" "C1'"  sing N N 14  
DC  "C3'" "O3'"  sing N N 15  
DC  "C3'" "C2'"  sing N N 16  
DC  "C3'" "H3'"  sing N N 17  
DC  "O3'" "HO3'" sing N N 18  
DC  "C2'" "C1'"  sing N N 19  
DC  "C2'" "H2'"  sing N N 20  
DC  "C2'" "H2''" sing N N 21  
DC  "C1'" N1     sing N N 22  
DC  "C1'" "H1'"  sing N N 23  
DC  N1    C2     sing N N 24  
DC  N1    C6     sing N N 25  
DC  C2    O2     doub N N 26  
DC  C2    N3     sing N N 27  
DC  N3    C4     doub N N 28  
DC  C4    N4     sing N N 29  
DC  C4    C5     sing N N 30  
DC  N4    H41    sing N N 31  
DC  N4    H42    sing N N 32  
DC  C5    C6     doub N N 33  
DC  C5    H5     sing N N 34  
DC  C6    H6     sing N N 35  
DG  OP3   P      sing N N 36  
DG  OP3   HOP3   sing N N 37  
DG  P     OP1    doub N N 38  
DG  P     OP2    sing N N 39  
DG  P     "O5'"  sing N N 40  
DG  OP2   HOP2   sing N N 41  
DG  "O5'" "C5'"  sing N N 42  
DG  "C5'" "C4'"  sing N N 43  
DG  "C5'" "H5'"  sing N N 44  
DG  "C5'" "H5''" sing N N 45  
DG  "C4'" "O4'"  sing N N 46  
DG  "C4'" "C3'"  sing N N 47  
DG  "C4'" "H4'"  sing N N 48  
DG  "O4'" "C1'"  sing N N 49  
DG  "C3'" "O3'"  sing N N 50  
DG  "C3'" "C2'"  sing N N 51  
DG  "C3'" "H3'"  sing N N 52  
DG  "O3'" "HO3'" sing N N 53  
DG  "C2'" "C1'"  sing N N 54  
DG  "C2'" "H2'"  sing N N 55  
DG  "C2'" "H2''" sing N N 56  
DG  "C1'" N9     sing N N 57  
DG  "C1'" "H1'"  sing N N 58  
DG  N9    C8     sing Y N 59  
DG  N9    C4     sing Y N 60  
DG  C8    N7     doub Y N 61  
DG  C8    H8     sing N N 62  
DG  N7    C5     sing Y N 63  
DG  C5    C6     sing N N 64  
DG  C5    C4     doub Y N 65  
DG  C6    O6     doub N N 66  
DG  C6    N1     sing N N 67  
DG  N1    C2     sing N N 68  
DG  N1    H1     sing N N 69  
DG  C2    N2     sing N N 70  
DG  C2    N3     doub N N 71  
DG  N2    H21    sing N N 72  
DG  N2    H22    sing N N 73  
DG  N3    C4     sing N N 74  
HOH O     H1     sing N N 75  
HOH O     H2     sing N N 76  
UFP N1    C2     sing N N 77  
UFP N1    C6     sing N N 78  
UFP N1    "C1'"  sing N N 79  
UFP C2    N3     sing N N 80  
UFP C2    O2     doub N N 81  
UFP N3    C4     sing N N 82  
UFP N3    HN3    sing N N 83  
UFP C4    C5     sing N N 84  
UFP C4    O4     doub N N 85  
UFP C5    C6     doub N N 86  
UFP C5    F5     sing N N 87  
UFP C6    H6     sing N N 88  
UFP "C1'" "C2'"  sing N N 89  
UFP "C1'" "O4'"  sing N N 90  
UFP "C1'" "H1'"  sing N N 91  
UFP "C2'" "C3'"  sing N N 92  
UFP "C2'" "H2'1" sing N N 93  
UFP "C2'" "H2'2" sing N N 94  
UFP "C3'" "C4'"  sing N N 95  
UFP "C3'" "O3'"  sing N N 96  
UFP "C3'" "H3'"  sing N N 97  
UFP "C4'" "O4'"  sing N N 98  
UFP "C4'" "C5'"  sing N N 99  
UFP "C4'" "H4'"  sing N N 100 
UFP "O3'" "HO3'" sing N N 101 
UFP "C5'" "O5'"  sing N N 102 
UFP "C5'" "H5'1" sing N N 103 
UFP "C5'" "H5'2" sing N N 104 
UFP "O5'" P      sing N N 105 
UFP P     O1P    doub N N 106 
UFP P     O2P    sing N N 107 
UFP P     O3P    sing N N 108 
UFP O2P   HOP2   sing N N 109 
UFP O3P   HOP3   sing N N 110 
# 
loop_
_ndb_struct_conf_na.entry_id 
_ndb_struct_conf_na.feature 
1DNF 'double helix'        
1DNF 'z-form double helix' 
# 
loop_
_ndb_struct_na_base_pair.model_number 
_ndb_struct_na_base_pair.i_label_asym_id 
_ndb_struct_na_base_pair.i_label_comp_id 
_ndb_struct_na_base_pair.i_label_seq_id 
_ndb_struct_na_base_pair.i_symmetry 
_ndb_struct_na_base_pair.j_label_asym_id 
_ndb_struct_na_base_pair.j_label_comp_id 
_ndb_struct_na_base_pair.j_label_seq_id 
_ndb_struct_na_base_pair.j_symmetry 
_ndb_struct_na_base_pair.shear 
_ndb_struct_na_base_pair.stretch 
_ndb_struct_na_base_pair.stagger 
_ndb_struct_na_base_pair.buckle 
_ndb_struct_na_base_pair.propeller 
_ndb_struct_na_base_pair.opening 
_ndb_struct_na_base_pair.pair_number 
_ndb_struct_na_base_pair.pair_name 
_ndb_struct_na_base_pair.i_auth_asym_id 
_ndb_struct_na_base_pair.i_auth_seq_id 
_ndb_struct_na_base_pair.i_PDB_ins_code 
_ndb_struct_na_base_pair.j_auth_asym_id 
_ndb_struct_na_base_pair.j_auth_seq_id 
_ndb_struct_na_base_pair.j_PDB_ins_code 
_ndb_struct_na_base_pair.hbond_type_28 
_ndb_struct_na_base_pair.hbond_type_12 
1 A DC 1 1_555 B DG 6 1_555 -0.320 -0.128 0.062 5.622  4.267  2.206 1 A_DC1:DG12_B A 1 ? B 12 ? 19 1 
1 A DC 3 1_555 B DG 4 1_555 -0.326 -0.132 0.141 2.663  -0.518 0.445 2 A_DC3:DG10_B A 3 ? B 10 ? 19 1 
1 A DG 4 1_555 B DC 3 1_555 0.166  -0.172 0.178 -1.465 1.348  3.518 3 A_DG4:DC9_B  A 4 ? B 9  ? 19 1 
1 A DG 6 1_555 B DC 1 1_555 0.165  -0.112 0.299 -4.906 -5.202 0.256 4 A_DG6:DC7_B  A 6 ? B 7  ? 19 1 
# 
_ndb_struct_na_base_pair_step.model_number        1 
_ndb_struct_na_base_pair_step.i_label_asym_id_1   A 
_ndb_struct_na_base_pair_step.i_label_comp_id_1   DC 
_ndb_struct_na_base_pair_step.i_label_seq_id_1    3 
_ndb_struct_na_base_pair_step.i_symmetry_1        1_555 
_ndb_struct_na_base_pair_step.j_label_asym_id_1   B 
_ndb_struct_na_base_pair_step.j_label_comp_id_1   DG 
_ndb_struct_na_base_pair_step.j_label_seq_id_1    4 
_ndb_struct_na_base_pair_step.j_symmetry_1        1_555 
_ndb_struct_na_base_pair_step.i_label_asym_id_2   A 
_ndb_struct_na_base_pair_step.i_label_comp_id_2   DG 
_ndb_struct_na_base_pair_step.i_label_seq_id_2    4 
_ndb_struct_na_base_pair_step.i_symmetry_2        1_555 
_ndb_struct_na_base_pair_step.j_label_asym_id_2   B 
_ndb_struct_na_base_pair_step.j_label_comp_id_2   DC 
_ndb_struct_na_base_pair_step.j_label_seq_id_2    3 
_ndb_struct_na_base_pair_step.j_symmetry_2        1_555 
_ndb_struct_na_base_pair_step.shift               -0.059 
_ndb_struct_na_base_pair_step.slide               5.283 
_ndb_struct_na_base_pair_step.rise                3.740 
_ndb_struct_na_base_pair_step.tilt                -0.738 
_ndb_struct_na_base_pair_step.roll                -4.773 
_ndb_struct_na_base_pair_step.twist               -8.961 
_ndb_struct_na_base_pair_step.x_displacement      -16.453 
_ndb_struct_na_base_pair_step.y_displacement      -2.393 
_ndb_struct_na_base_pair_step.helical_rise        5.762 
_ndb_struct_na_base_pair_step.inclination         28.031 
_ndb_struct_na_base_pair_step.tip                 -4.333 
_ndb_struct_na_base_pair_step.helical_twist       -10.178 
_ndb_struct_na_base_pair_step.step_number         1 
_ndb_struct_na_base_pair_step.step_name           AA_DC3DG4:DC9DG10_BB 
_ndb_struct_na_base_pair_step.i_auth_asym_id_1    A 
_ndb_struct_na_base_pair_step.i_auth_seq_id_1     3 
_ndb_struct_na_base_pair_step.i_PDB_ins_code_1    ? 
_ndb_struct_na_base_pair_step.j_auth_asym_id_1    B 
_ndb_struct_na_base_pair_step.j_auth_seq_id_1     10 
_ndb_struct_na_base_pair_step.j_PDB_ins_code_1    ? 
_ndb_struct_na_base_pair_step.i_auth_asym_id_2    A 
_ndb_struct_na_base_pair_step.i_auth_seq_id_2     4 
_ndb_struct_na_base_pair_step.i_PDB_ins_code_2    ? 
_ndb_struct_na_base_pair_step.j_auth_asym_id_2    B 
_ndb_struct_na_base_pair_step.j_auth_seq_id_2     9 
_ndb_struct_na_base_pair_step.j_PDB_ins_code_2    ? 
# 
_atom_sites.entry_id                    1DNF 
_atom_sites.fract_transf_matrix[1][1]   0.04196928 
_atom_sites.fract_transf_matrix[1][2]   -0.03655978 
_atom_sites.fract_transf_matrix[1][3]   -0.01483857 
_atom_sites.fract_transf_matrix[2][1]   0.02056401 
_atom_sites.fract_transf_matrix[2][2]   0.02454373 
_atom_sites.fract_transf_matrix[2][3]   -0.00230862 
_atom_sites.fract_transf_matrix[3][1]   0.00534310 
_atom_sites.fract_transf_matrix[3][2]   -0.00248040 
_atom_sites.fract_transf_matrix[3][3]   0.02122366 
_atom_sites.fract_transf_vector[1]      0.740732 
_atom_sites.fract_transf_vector[2]      0.495713 
_atom_sites.fract_transf_vector[3]      0.588926 
# 
loop_
_atom_type.symbol 
C  
F  
MG 
N  
O  
P  
# 
loop_
_atom_site.group_PDB 
_atom_site.id 
_atom_site.type_symbol 
_atom_site.label_atom_id 
_atom_site.label_alt_id 
_atom_site.label_comp_id 
_atom_site.label_asym_id 
_atom_site.label_entity_id 
_atom_site.label_seq_id 
_atom_site.pdbx_PDB_ins_code 
_atom_site.Cartn_x 
_atom_site.Cartn_y 
_atom_site.Cartn_z 
_atom_site.occupancy 
_atom_site.B_iso_or_equiv 
_atom_site.pdbx_formal_charge 
_atom_site.auth_seq_id 
_atom_site.auth_comp_id 
_atom_site.auth_asym_id 
_atom_site.auth_atom_id 
_atom_site.pdbx_PDB_model_num 
ATOM   1   O  "O5'" . DC  A 1 1 ? 4.092   -1.584 -9.288  1.00 12.42 ? 1  DC  A "O5'" 1 
ATOM   2   C  "C5'" . DC  A 1 1 ? 3.967   -2.389 -8.121  1.00 13.07 ? 1  DC  A "C5'" 1 
ATOM   3   C  "C4'" . DC  A 1 1 ? 2.514   -2.541 -7.740  1.00 11.40 ? 1  DC  A "C4'" 1 
ATOM   4   O  "O4'" . DC  A 1 1 ? 2.013   -1.407 -7.038  1.00 12.06 ? 1  DC  A "O4'" 1 
ATOM   5   C  "C3'" . DC  A 1 1 ? 1.492   -2.735 -8.857  1.00 11.65 ? 1  DC  A "C3'" 1 
ATOM   6   O  "O3'" . DC  A 1 1 ? 0.386   -3.520 -8.468  1.00 13.46 ? 1  DC  A "O3'" 1 
ATOM   7   C  "C2'" . DC  A 1 1 ? 0.982   -1.300 -9.141  1.00 11.00 ? 1  DC  A "C2'" 1 
ATOM   8   C  "C1'" . DC  A 1 1 ? 0.917   -0.805 -7.706  1.00 11.21 ? 1  DC  A "C1'" 1 
ATOM   9   N  N1    . DC  A 1 1 ? 1.020   0.648  -7.721  1.00 10.65 ? 1  DC  A N1    1 
ATOM   10  C  C2    . DC  A 1 1 ? -0.090  1.411  -7.589  1.00 9.86  ? 1  DC  A C2    1 
ATOM   11  O  O2    . DC  A 1 1 ? -1.232  1.047  -7.466  1.00 11.18 ? 1  DC  A O2    1 
ATOM   12  N  N3    . DC  A 1 1 ? 0.075   2.793  -7.544  1.00 9.93  ? 1  DC  A N3    1 
ATOM   13  C  C4    . DC  A 1 1 ? 1.325   3.355  -7.660  1.00 8.90  ? 1  DC  A C4    1 
ATOM   14  N  N4    . DC  A 1 1 ? 1.366   4.663  -7.603  1.00 8.58  ? 1  DC  A N4    1 
ATOM   15  C  C5    . DC  A 1 1 ? 2.481   2.521  -7.748  1.00 10.09 ? 1  DC  A C5    1 
ATOM   16  C  C6    . DC  A 1 1 ? 2.285   1.211  -7.795  1.00 10.10 ? 1  DC  A C6    1 
ATOM   17  P  P     . DG  A 1 2 ? 0.315   -5.072 -8.792  1.00 16.90 ? 2  DG  A P     1 
ATOM   18  O  OP1   . DG  A 1 2 ? 0.706   -5.259 -10.156 1.00 19.40 ? 2  DG  A OP1   1 
ATOM   19  O  OP2   . DG  A 1 2 ? -1.044  -5.415 -8.211  1.00 18.00 ? 2  DG  A OP2   1 
ATOM   20  O  "O5'" . DG  A 1 2 ? 1.499   -5.726 -7.843  1.00 16.77 ? 2  DG  A "O5'" 1 
ATOM   21  C  "C5'" . DG  A 1 2 ? 1.174   -5.754 -6.397  1.00 14.56 ? 2  DG  A "C5'" 1 
ATOM   22  C  "C4'" . DG  A 1 2 ? 2.480   -6.192 -5.741  1.00 14.10 ? 2  DG  A "C4'" 1 
ATOM   23  O  "O4'" . DG  A 1 2 ? 3.511   -5.304 -6.005  1.00 11.27 ? 2  DG  A "O4'" 1 
ATOM   24  C  "C3'" . DG  A 1 2 ? 2.287   -6.186 -4.198  1.00 13.67 ? 2  DG  A "C3'" 1 
ATOM   25  O  "O3'" . DG  A 1 2 ? 1.825   -7.499 -3.778  1.00 15.18 ? 2  DG  A "O3'" 1 
ATOM   26  C  "C2'" . DG  A 1 2 ? 3.598   -5.713 -3.695  1.00 12.74 ? 2  DG  A "C2'" 1 
ATOM   27  C  "C1'" . DG  A 1 2 ? 4.287   -5.033 -4.836  1.00 11.60 ? 2  DG  A "C1'" 1 
ATOM   28  N  N9    . DG  A 1 2 ? 4.346   -3.571 -4.717  1.00 11.01 ? 2  DG  A N9    1 
ATOM   29  C  C8    . DG  A 1 2 ? 5.517   -2.853 -4.759  1.00 11.90 ? 2  DG  A C8    1 
ATOM   30  N  N7    . DG  A 1 2 ? 5.287   -1.550 -4.605  1.00 11.44 ? 2  DG  A N7    1 
ATOM   31  C  C5    . DG  A 1 2 ? 3.919   -1.433 -4.454  1.00 11.41 ? 2  DG  A C5    1 
ATOM   32  C  C6    . DG  A 1 2 ? 3.065   -0.301 -4.300  1.00 10.60 ? 2  DG  A C6    1 
ATOM   33  O  O6    . DG  A 1 2 ? 3.355   0.904  -4.204  1.00 11.53 ? 2  DG  A O6    1 
ATOM   34  N  N1    . DG  A 1 2 ? 1.706   -0.574 -4.197  1.00 10.42 ? 2  DG  A N1    1 
ATOM   35  C  C2    . DG  A 1 2 ? 1.253   -1.858 -4.205  1.00 11.17 ? 2  DG  A C2    1 
ATOM   36  N  N2    . DG  A 1 2 ? -0.069  -1.962 -4.063  1.00 11.57 ? 2  DG  A N2    1 
ATOM   37  N  N3    . DG  A 1 2 ? 2.039   -2.908 -4.346  1.00 11.05 ? 2  DG  A N3    1 
ATOM   38  C  C4    . DG  A 1 2 ? 3.330   -2.680 -4.503  1.00 10.94 ? 2  DG  A C4    1 
ATOM   39  P  P     . DC  A 1 3 ? 0.421   -7.696 -2.916  1.00 16.44 ? 3  DC  A P     1 
ATOM   40  O  OP1   . DC  A 1 3 ? 0.464   -9.138 -2.440  1.00 16.96 ? 3  DC  A OP1   1 
ATOM   41  O  OP2   . DC  A 1 3 ? -0.645  -7.155 -3.616  1.00 16.91 ? 3  DC  A OP2   1 
ATOM   42  O  "O5'" . DC  A 1 3 ? 0.927   -6.821 -1.626  1.00 12.90 ? 3  DC  A "O5'" 1 
ATOM   43  C  "C5'" . DC  A 1 3 ? 0.238   -7.045 -0.347  1.00 11.41 ? 3  DC  A "C5'" 1 
ATOM   44  C  "C4'" . DC  A 1 3 ? -0.380  -5.760 0.142   1.00 12.10 ? 3  DC  A "C4'" 1 
ATOM   45  O  "O4'" . DC  A 1 3 ? 0.583   -4.830 0.498   1.00 9.61  ? 3  DC  A "O4'" 1 
ATOM   46  C  "C3'" . DC  A 1 3 ? -1.364  -5.052 -0.837  1.00 10.24 ? 3  DC  A "C3'" 1 
ATOM   47  O  "O3'" . DC  A 1 3 ? -2.503  -4.623 -0.181  1.00 12.94 ? 3  DC  A "O3'" 1 
ATOM   48  C  "C2'" . DC  A 1 3 ? -0.528  -3.894 -1.389  1.00 10.36 ? 3  DC  A "C2'" 1 
ATOM   49  C  "C1'" . DC  A 1 3 ? 0.238   -3.537 -0.173  1.00 10.20 ? 3  DC  A "C1'" 1 
ATOM   50  N  N1    . DC  A 1 3 ? 1.514   -2.897 -0.420  1.00 9.51  ? 3  DC  A N1    1 
ATOM   51  C  C2    . DC  A 1 3 ? 1.508   -1.475 -0.464  1.00 9.21  ? 3  DC  A C2    1 
ATOM   52  O  O2    . DC  A 1 3 ? 0.466   -0.929 -0.213  1.00 10.12 ? 3  DC  A O2    1 
ATOM   53  N  N3    . DC  A 1 3 ? 2.695   -0.848 -0.733  1.00 8.78  ? 3  DC  A N3    1 
ATOM   54  C  C4    . DC  A 1 3 ? 3.825   -1.602 -1.011  1.00 9.01  ? 3  DC  A C4    1 
ATOM   55  N  N4    . DC  A 1 3 ? 4.971   -0.965 -1.238  1.00 9.50  ? 3  DC  A N4    1 
ATOM   56  C  C5    . DC  A 1 3 ? 3.805   -3.009 -1.000  1.00 9.47  ? 3  DC  A C5    1 
ATOM   57  C  C6    . DC  A 1 3 ? 2.608   -3.604 -0.698  1.00 9.60  ? 3  DC  A C6    1 
ATOM   58  P  P     . DG  A 1 4 ? -3.782  -5.507 -0.051  1.00 12.84 ? 4  DG  A P     1 
ATOM   59  O  OP1   . DG  A 1 4 ? -4.008  -6.364 -1.296  1.00 13.64 ? 4  DG  A OP1   1 
ATOM   60  O  OP2   . DG  A 1 4 ? -4.980  -4.701 0.316   1.00 16.28 ? 4  DG  A OP2   1 
ATOM   61  O  "O5'" . DG  A 1 4 ? -3.460  -6.585 1.108   1.00 11.83 ? 4  DG  A "O5'" 1 
ATOM   62  C  "C5'" . DG  A 1 4 ? -3.044  -5.894 2.413   1.00 9.52  ? 4  DG  A "C5'" 1 
ATOM   63  C  "C4'" . DG  A 1 4 ? -2.829  -7.178 3.236   1.00 8.64  ? 4  DG  A "C4'" 1 
ATOM   64  O  "O4'" . DG  A 1 4 ? -1.754  -7.822 2.701   1.00 7.13  ? 4  DG  A "O4'" 1 
ATOM   65  C  "C3'" . DG  A 1 4 ? -2.494  -6.934 4.697   1.00 8.54  ? 4  DG  A "C3'" 1 
ATOM   66  O  "O3'" . DG  A 1 4 ? -3.667  -6.936 5.525   1.00 8.78  ? 4  DG  A "O3'" 1 
ATOM   67  C  "C2'" . DG  A 1 4 ? -1.497  -8.001 4.995   1.00 7.99  ? 4  DG  A "C2'" 1 
ATOM   68  C  "C1'" . DG  A 1 4 ? -0.821  -8.323 3.751   1.00 7.99  ? 4  DG  A "C1'" 1 
ATOM   69  N  N9    . DG  A 1 4 ? 0.499   -7.741 3.458   1.00 8.39  ? 4  DG  A N9    1 
ATOM   70  C  C8    . DG  A 1 4 ? 1.599   -8.509 3.007   1.00 7.80  ? 4  DG  A C8    1 
ATOM   71  N  N7    . DG  A 1 4 ? 2.666   -7.880 2.830   1.00 8.17  ? 4  DG  A N7    1 
ATOM   72  C  C5    . DG  A 1 4 ? 2.241   -6.541 2.967   1.00 7.84  ? 4  DG  A C5    1 
ATOM   73  C  C6    . DG  A 1 4 ? 2.953   -5.314 2.865   1.00 7.09  ? 4  DG  A C6    1 
ATOM   74  O  O6    . DG  A 1 4 ? 4.065   -5.193 2.406   1.00 9.72  ? 4  DG  A O6    1 
ATOM   75  N  N1    . DG  A 1 4 ? 2.159   -4.218 3.155   1.00 6.83  ? 4  DG  A N1    1 
ATOM   76  C  C2    . DG  A 1 4 ? 0.882   -4.240 3.456   1.00 7.71  ? 4  DG  A C2    1 
ATOM   77  N  N2    . DG  A 1 4 ? 0.205   -3.160 3.785   1.00 5.55  ? 4  DG  A N2    1 
ATOM   78  N  N3    . DG  A 1 4 ? 0.191   -5.367 3.733   1.00 7.25  ? 4  DG  A N3    1 
ATOM   79  C  C4    . DG  A 1 4 ? 0.959   -6.463 3.435   1.00 7.97  ? 4  DG  A C4    1 
HETATM 80  N  N1    . UFP A 1 5 ? 0.849   -4.833 7.593   1.00 7.40  ? 5  UFP A N1    1 
HETATM 81  C  C2    . UFP A 1 5 ? 2.018   -4.368 6.975   1.00 8.59  ? 5  UFP A C2    1 
HETATM 82  N  N3    . UFP A 1 5 ? 2.879   -5.260 6.551   1.00 7.89  ? 5  UFP A N3    1 
HETATM 83  C  C4    . UFP A 1 5 ? 2.688   -6.628 6.590   1.00 9.12  ? 5  UFP A C4    1 
HETATM 84  C  C5    . UFP A 1 5 ? 1.463   -7.062 7.178   1.00 8.99  ? 5  UFP A C5    1 
HETATM 85  C  C6    . UFP A 1 5 ? 0.602   -6.171 7.630   1.00 8.83  ? 5  UFP A C6    1 
HETATM 86  O  O2    . UFP A 1 5 ? 2.245   -3.160 7.027   1.00 7.27  ? 5  UFP A O2    1 
HETATM 87  O  O4    . UFP A 1 5 ? 3.572   -7.375 6.091   1.00 8.89  ? 5  UFP A O4    1 
HETATM 88  F  F5    . UFP A 1 5 ? 1.279   -8.375 7.211   1.00 13.58 ? 5  UFP A F5    1 
HETATM 89  C  "C1'" . UFP A 1 5 ? -0.059  -3.861 8.156   1.00 8.62  ? 5  UFP A "C1'" 1 
HETATM 90  C  "C2'" . UFP A 1 5 ? -0.888  -3.209 7.094   1.00 9.31  ? 5  UFP A "C2'" 1 
HETATM 91  C  "C3'" . UFP A 1 5 ? -2.086  -2.783 7.850   1.00 9.17  ? 5  UFP A "C3'" 1 
HETATM 92  C  "C4'" . UFP A 1 5 ? -2.259  -3.850 8.947   1.00 8.10  ? 5  UFP A "C4'" 1 
HETATM 93  O  "O3'" . UFP A 1 5 ? -1.934  -1.493 8.443   1.00 9.09  ? 5  UFP A "O3'" 1 
HETATM 94  O  "O4'" . UFP A 1 5 ? -1.038  -4.556 8.981   1.00 8.30  ? 5  UFP A "O4'" 1 
HETATM 95  C  "C5'" . UFP A 1 5 ? -3.447  -4.756 8.706   1.00 10.56 ? 5  UFP A "C5'" 1 
HETATM 96  O  "O5'" . UFP A 1 5 ? -3.065  -5.561 7.573   1.00 10.41 ? 5  UFP A "O5'" 1 
HETATM 97  P  P     . UFP A 1 5 ? -4.232  -5.754 6.488   1.00 13.47 ? 5  UFP A P     1 
HETATM 98  O  O1P   . UFP A 1 5 ? -5.534  -6.360 6.976   1.00 12.89 ? 5  UFP A O1P   1 
HETATM 99  O  O2P   . UFP A 1 5 ? -4.486  -4.532 5.644   1.00 14.65 ? 5  UFP A O2P   1 
ATOM   100 P  P     . DG  A 1 6 ? -3.118  -0.539 8.862   1.00 10.50 ? 6  DG  A P     1 
ATOM   101 O  OP1   . DG  A 1 6 ? -3.952  -0.377 7.696   1.00 8.90  ? 6  DG  A OP1   1 
ATOM   102 O  OP2   . DG  A 1 6 ? -2.390  0.694  9.403   1.00 9.41  ? 6  DG  A OP2   1 
ATOM   103 O  "O5'" . DG  A 1 6 ? -3.918  -1.246 9.989   1.00 8.97  ? 6  DG  A "O5'" 1 
ATOM   104 C  "C5'" . DG  A 1 6 ? -3.563  -1.120 11.371  1.00 9.86  ? 6  DG  A "C5'" 1 
ATOM   105 C  "C4'" . DG  A 1 6 ? -4.651  -1.870 12.117  1.00 9.85  ? 6  DG  A "C4'" 1 
ATOM   106 O  "O4'" . DG  A 1 6 ? -4.605  -3.232 11.867  1.00 10.09 ? 6  DG  A "O4'" 1 
ATOM   107 C  "C3'" . DG  A 1 6 ? -4.583  -1.715 13.640  1.00 9.81  ? 6  DG  A "C3'" 1 
ATOM   108 O  "O3'" . DG  A 1 6 ? -5.943  -1.679 14.212  1.00 10.38 ? 6  DG  A "O3'" 1 
ATOM   109 C  "C2'" . DG  A 1 6 ? -3.765  -2.902 14.063  1.00 10.02 ? 6  DG  A "C2'" 1 
ATOM   110 C  "C1'" . DG  A 1 6 ? -4.103  -3.923 13.049  1.00 9.06  ? 6  DG  A "C1'" 1 
ATOM   111 N  N9    . DG  A 1 6 ? -3.084  -4.823 12.608  1.00 9.97  ? 6  DG  A N9    1 
ATOM   112 C  C8    . DG  A 1 6 ? -3.247  -6.209 12.496  1.00 10.38 ? 6  DG  A C8    1 
ATOM   113 N  N7    . DG  A 1 6 ? -2.214  -6.786 12.065  1.00 8.47  ? 6  DG  A N7    1 
ATOM   114 C  C5    . DG  A 1 6 ? -1.223  -5.803 11.963  1.00 9.60  ? 6  DG  A C5    1 
ATOM   115 C  C6    . DG  A 1 6 ? 0.112   -5.870 11.488  1.00 8.33  ? 6  DG  A C6    1 
ATOM   116 O  O6    . DG  A 1 6 ? 0.762   -6.832 11.126  1.00 8.98  ? 6  DG  A O6    1 
ATOM   117 N  N1    . DG  A 1 6 ? 0.803   -4.662 11.483  1.00 6.97  ? 6  DG  A N1    1 
ATOM   118 C  C2    . DG  A 1 6 ? 0.073   -3.499 11.788  1.00 7.98  ? 6  DG  A C2    1 
ATOM   119 N  N2    . DG  A 1 6 ? 0.800   -2.329 11.662  1.00 8.36  ? 6  DG  A N2    1 
ATOM   120 N  N3    . DG  A 1 6 ? -1.149  -3.385 12.213  1.00 8.94  ? 6  DG  A N3    1 
ATOM   121 C  C4    . DG  A 1 6 ? -1.776  -4.582 12.231  1.00 8.94  ? 6  DG  A C4    1 
ATOM   122 O  "O5'" . DC  B 1 1 ? 9.281   -2.783 9.036   1.00 13.28 ? 7  DC  B "O5'" 1 
ATOM   123 C  "C5'" . DC  B 1 1 ? 9.041   -1.674 8.076   1.00 10.70 ? 7  DC  B "C5'" 1 
ATOM   124 C  "C4'" . DC  B 1 1 ? 7.733   -1.007 8.455   1.00 10.37 ? 7  DC  B "C4'" 1 
ATOM   125 O  "O4'" . DC  B 1 1 ? 6.691   -1.956 8.239   1.00 10.51 ? 7  DC  B "O4'" 1 
ATOM   126 C  "C3'" . DC  B 1 1 ? 7.536   -0.504 9.882   1.00 9.51  ? 7  DC  B "C3'" 1 
ATOM   127 O  "O3'" . DC  B 1 1 ? 6.894   0.771  9.878   1.00 10.68 ? 7  DC  B "O3'" 1 
ATOM   128 C  "C2'" . DC  B 1 1 ? 6.602   -1.551 10.533  1.00 10.64 ? 7  DC  B "C2'" 1 
ATOM   129 C  "C1'" . DC  B 1 1 ? 5.763   -1.896 9.313   1.00 9.76  ? 7  DC  B "C1'" 1 
ATOM   130 N  N1    . DC  B 1 1 ? 5.181   -3.264 9.464   1.00 9.36  ? 7  DC  B N1    1 
ATOM   131 C  C2    . DC  B 1 1 ? 3.901   -3.284 9.983   1.00 10.28 ? 7  DC  B C2    1 
ATOM   132 O  O2    . DC  B 1 1 ? 3.289   -2.335 10.229  1.00 10.83 ? 7  DC  B O2    1 
ATOM   133 N  N3    . DC  B 1 1 ? 3.367   -4.536 10.140  1.00 9.21  ? 7  DC  B N3    1 
ATOM   134 C  C4    . DC  B 1 1 ? 4.052   -5.627 9.840   1.00 10.11 ? 7  DC  B C4    1 
ATOM   135 N  N4    . DC  B 1 1 ? 3.469   -6.784 10.022  1.00 9.38  ? 7  DC  B N4    1 
ATOM   136 C  C5    . DC  B 1 1 ? 5.375   -5.624 9.404   1.00 9.37  ? 7  DC  B C5    1 
ATOM   137 C  C6    . DC  B 1 1 ? 5.923   -4.349 9.165   1.00 9.05  ? 7  DC  B C6    1 
ATOM   138 P  P     . DG  B 1 2 ? 7.579   2.220  9.850   1.00 10.27 ? 8  DG  B P     1 
ATOM   139 O  OP1   . DG  B 1 2 ? 8.850   2.033  10.744  1.00 10.23 ? 8  DG  B OP1   1 
ATOM   140 O  OP2   . DG  B 1 2 ? 6.591   3.183  10.240  1.00 11.93 ? 8  DG  B OP2   1 
ATOM   141 O  "O5'" . DG  B 1 2 ? 8.188   2.430  8.412   1.00 9.21  ? 8  DG  B "O5'" 1 
ATOM   142 C  "C5'" . DG  B 1 2 ? 7.407   2.613  7.212   1.00 8.00  ? 8  DG  B "C5'" 1 
ATOM   143 C  "C4'" . DG  B 1 2 ? 8.240   2.421  5.966   1.00 8.73  ? 8  DG  B "C4'" 1 
ATOM   144 O  "O4'" . DG  B 1 2 ? 8.871   1.192  5.834   1.00 7.66  ? 8  DG  B "O4'" 1 
ATOM   145 C  "C3'" . DG  B 1 2 ? 7.434   2.525  4.655   1.00 8.37  ? 8  DG  B "C3'" 1 
ATOM   146 O  "O3'" . DG  B 1 2 ? 7.458   3.911  4.284   1.00 12.22 ? 8  DG  B "O3'" 1 
ATOM   147 C  "C2'" . DG  B 1 2 ? 8.059   1.644  3.678   1.00 9.44  ? 8  DG  B "C2'" 1 
ATOM   148 C  "C1'" . DG  B 1 2 ? 8.764   0.622  4.537   1.00 8.11  ? 8  DG  B "C1'" 1 
ATOM   149 N  N9    . DG  B 1 2 ? 8.061   -0.658 4.677   1.00 8.09  ? 8  DG  B N9    1 
ATOM   150 C  C8    . DG  B 1 2 ? 8.603   -1.828 4.319   1.00 7.73  ? 8  DG  B C8    1 
ATOM   151 N  N7    . DG  B 1 2 ? 7.873   -2.881 4.549   1.00 7.77  ? 8  DG  B N7    1 
ATOM   152 C  C5    . DG  B 1 2 ? 6.669   -2.357 5.026   1.00 7.74  ? 8  DG  B C5    1 
ATOM   153 C  C6    . DG  B 1 2 ? 5.490   -2.908 5.523   1.00 7.58  ? 8  DG  B C6    1 
ATOM   154 O  O6    . DG  B 1 2 ? 5.143   -4.158 5.606   1.00 6.55  ? 8  DG  B O6    1 
ATOM   155 N  N1    . DG  B 1 2 ? 4.576   -2.054 6.022   1.00 6.96  ? 8  DG  B N1    1 
ATOM   156 C  C2    . DG  B 1 2 ? 4.734   -0.722 6.086   1.00 7.92  ? 8  DG  B C2    1 
ATOM   157 N  N2    . DG  B 1 2 ? 3.855   0.049  6.667   1.00 6.53  ? 8  DG  B N2    1 
ATOM   158 N  N3    . DG  B 1 2 ? 5.899   -0.179 5.687   1.00 6.73  ? 8  DG  B N3    1 
ATOM   159 C  C4    . DG  B 1 2 ? 6.802   -0.946 5.187   1.00 7.75  ? 8  DG  B C4    1 
ATOM   160 P  P     . DC  B 1 3 ? 6.467   4.797  3.685   1.00 19.77 ? 9  DC  B P     1 
ATOM   161 O  OP1   . DC  B 1 3 ? 6.807   6.235  3.348   1.00 18.23 ? 9  DC  B OP1   1 
ATOM   162 O  OP2   . DC  B 1 3 ? 5.756   5.294  5.241   1.00 17.86 ? 9  DC  B OP2   1 
ATOM   163 O  "O5'" . DC  B 1 3 ? 5.103   4.276  3.199   1.00 12.14 ? 9  DC  B "O5'" 1 
ATOM   164 C  "C5'" . DC  B 1 3 ? 4.131   5.063  2.514   1.00 8.99  ? 9  DC  B "C5'" 1 
ATOM   165 C  "C4'" . DC  B 1 3 ? 2.834   4.289  2.707   1.00 8.62  ? 9  DC  B "C4'" 1 
ATOM   166 O  "O4'" . DC  B 1 3 ? 2.996   3.013  2.117   1.00 6.75  ? 9  DC  B "O4'" 1 
ATOM   167 C  "C3'" . DC  B 1 3 ? 2.386   3.954  4.128   1.00 8.61  ? 9  DC  B "C3'" 1 
ATOM   168 O  "O3'" . DC  B 1 3 ? 0.961   4.109  4.213   1.00 10.54 ? 9  DC  B "O3'" 1 
ATOM   169 C  "C2'" . DC  B 1 3 ? 2.862   2.518  4.369   1.00 7.73  ? 9  DC  B "C2'" 1 
ATOM   170 C  "C1'" . DC  B 1 3 ? 2.616   1.903  2.992   1.00 7.68  ? 9  DC  B "C1'" 1 
ATOM   171 N  N1    . DC  B 1 3 ? 3.426   0.724  2.739   1.00 7.49  ? 9  DC  B N1    1 
ATOM   172 C  C2    . DC  B 1 3 ? 2.832   -0.531 2.959   1.00 7.29  ? 9  DC  B C2    1 
ATOM   173 O  O2    . DC  B 1 3 ? 1.697   -0.619 3.338   1.00 8.00  ? 9  DC  B O2    1 
ATOM   174 N  N3    . DC  B 1 3 ? 3.510   -1.652 2.625   1.00 6.49  ? 9  DC  B N3    1 
ATOM   175 C  C4    . DC  B 1 3 ? 4.786   -1.624 2.189   1.00 7.89  ? 9  DC  B C4    1 
ATOM   176 N  N4    . DC  B 1 3 ? 5.390   -2.803 2.050   1.00 9.38  ? 9  DC  B N4    1 
ATOM   177 C  C5    . DC  B 1 3 ? 5.448   -0.368 2.084   1.00 8.62  ? 9  DC  B C5    1 
ATOM   178 C  C6    . DC  B 1 3 ? 4.765   0.746  2.297   1.00 7.87  ? 9  DC  B C6    1 
ATOM   179 P  P     . DG  B 1 4 ? 0.308   5.403  4.792   1.00 13.00 ? 10 DG  B P     1 
ATOM   180 O  OP1   . DG  B 1 4 ? 1.114   6.086  5.843   1.00 13.95 ? 10 DG  B OP1   1 
ATOM   181 O  OP2   . DG  B 1 4 ? -1.111  5.045  4.929   1.00 13.67 ? 10 DG  B OP2   1 
ATOM   182 O  "O5'" . DG  B 1 4 ? 0.532   6.403  3.515   1.00 11.85 ? 10 DG  B "O5'" 1 
ATOM   183 C  "C5'" . DG  B 1 4 ? -0.363  6.197  2.402   1.00 11.33 ? 10 DG  B "C5'" 1 
ATOM   184 C  "C4'" . DG  B 1 4 ? 0.169   7.098  1.294   1.00 11.17 ? 10 DG  B "C4'" 1 
ATOM   185 O  "O4'" . DG  B 1 4 ? 1.483   6.935  0.968   1.00 10.14 ? 10 DG  B "O4'" 1 
ATOM   186 C  "C3'" . DG  B 1 4 ? -0.579  6.748  -0.038  1.00 10.63 ? 10 DG  B "C3'" 1 
ATOM   187 O  "O3'" . DG  B 1 4 ? -1.795  7.489  -0.042  1.00 13.36 ? 10 DG  B "O3'" 1 
ATOM   188 C  "C2'" . DG  B 1 4 ? 0.420   7.062  -1.087  1.00 10.62 ? 10 DG  B "C2'" 1 
ATOM   189 C  "C1'" . DG  B 1 4 ? 1.740   7.111  -0.424  1.00 10.11 ? 10 DG  B "C1'" 1 
ATOM   190 N  N9    . DG  B 1 4 ? 2.662   6.012  -0.784  1.00 9.88  ? 10 DG  B N9    1 
ATOM   191 C  C8    . DG  B 1 4 ? 3.985   6.184  -1.026  1.00 8.90  ? 10 DG  B C8    1 
ATOM   192 N  N7    . DG  B 1 4 ? 4.619   5.056  -1.177  1.00 10.16 ? 10 DG  B N7    1 
ATOM   193 C  C5    . DG  B 1 4 ? 3.615   4.092  -1.051  1.00 9.52  ? 10 DG  B C5    1 
ATOM   194 C  C6    . DG  B 1 4 ? 3.738   2.677  -1.144  1.00 9.05  ? 10 DG  B C6    1 
ATOM   195 O  O6    . DG  B 1 4 ? 4.711   1.990  -1.369  1.00 9.47  ? 10 DG  B O6    1 
ATOM   196 N  N1    . DG  B 1 4 ? 2.519   2.060  -0.838  1.00 9.27  ? 10 DG  B N1    1 
ATOM   197 C  C2    . DG  B 1 4 ? 1.409   2.722  -0.571  1.00 7.26  ? 10 DG  B C2    1 
ATOM   198 N  N2    . DG  B 1 4 ? 0.309   1.950  -0.379  1.00 6.20  ? 10 DG  B N2    1 
ATOM   199 N  N3    . DG  B 1 4 ? 1.266   4.044  -0.470  1.00 8.35  ? 10 DG  B N3    1 
ATOM   200 C  C4    . DG  B 1 4 ? 2.418   4.675  -0.743  1.00 8.64  ? 10 DG  B C4    1 
HETATM 201 N  N1    . UFP B 1 5 ? -0.456  3.788  -4.034  1.00 10.16 ? 11 UFP B N1    1 
HETATM 202 C  C2    . UFP B 1 5 ? 0.404   2.731  -4.105  1.00 8.69  ? 11 UFP B C2    1 
HETATM 203 N  N3    . UFP B 1 5 ? 1.688   2.993  -4.256  1.00 10.77 ? 11 UFP B N3    1 
HETATM 204 C  C4    . UFP B 1 5 ? 2.228   4.248  -4.297  1.00 9.21  ? 11 UFP B C4    1 
HETATM 205 C  C5    . UFP B 1 5 ? 1.331   5.341  -4.161  1.00 10.20 ? 11 UFP B C5    1 
HETATM 206 C  C6    . UFP B 1 5 ? 0.018   5.067  -4.050  1.00 9.85  ? 11 UFP B C6    1 
HETATM 207 O  O2    . UFP B 1 5 ? -0.089  1.560  -4.047  1.00 9.49  ? 11 UFP B O2    1 
HETATM 208 O  O4    . UFP B 1 5 ? 3.439   4.351  -4.492  1.00 11.20 ? 11 UFP B O4    1 
HETATM 209 F  F5    . UFP B 1 5 ? 1.741   6.512  -4.263  1.00 15.42 ? 11 UFP B F5    1 
HETATM 210 C  "C1'" . UFP B 1 5 ? -1.887  3.526  -3.826  1.00 9.13  ? 11 UFP B "C1'" 1 
HETATM 211 C  "C2'" . UFP B 1 5 ? -2.367  3.305  -2.407  1.00 9.18  ? 11 UFP B "C2'" 1 
HETATM 212 C  "C3'" . UFP B 1 5 ? -3.823  3.650  -2.519  1.00 10.30 ? 11 UFP B "C3'" 1 
HETATM 213 C  "C4'" . UFP B 1 5 ? -3.829  4.781  -3.549  1.00 9.72  ? 11 UFP B "C4'" 1 
HETATM 214 O  "O3'" . UFP B 1 5 ? -4.618  2.543  -3.051  1.00 8.48  ? 11 UFP B "O3'" 1 
HETATM 215 O  "O4'" . UFP B 1 5 ? -2.563  4.770  -4.208  1.00 10.78 ? 11 UFP B "O4'" 1 
HETATM 216 C  "C5'" . UFP B 1 5 ? -4.027  6.208  -2.998  1.00 11.46 ? 11 UFP B "C5'" 1 
HETATM 217 O  "O5'" . UFP B 1 5 ? -2.854  6.413  -2.072  1.00 13.36 ? 11 UFP B "O5'" 1 
HETATM 218 P  P     . UFP B 1 5 ? -3.158  6.797  -0.490  1.00 14.72 ? 11 UFP B P     1 
HETATM 219 O  O1P   . UFP B 1 5 ? -4.197  7.825  -0.411  1.00 13.53 ? 11 UFP B O1P   1 
HETATM 220 O  O2P   . UFP B 1 5 ? -3.479  5.536  0.244   1.00 13.61 ? 11 UFP B O2P   1 
ATOM   221 P  P     . DG  B 1 6 ? -6.086  2.372  -2.611  1.00 12.54 ? 12 DG  B P     1 
ATOM   222 O  OP1   . DG  B 1 6 ? -6.338  2.466  -1.134  1.00 12.71 ? 12 DG  B OP1   1 
ATOM   223 O  OP2   . DG  B 1 6 ? -6.553  1.110  -3.170  1.00 13.77 ? 12 DG  B OP2   1 
ATOM   224 O  "O5'" . DG  B 1 6 ? -6.835  3.646  -3.194  1.00 10.88 ? 12 DG  B "O5'" 1 
ATOM   225 C  "C5'" . DG  B 1 6 ? -7.371  3.618  -4.537  1.00 10.86 ? 12 DG  B "C5'" 1 
ATOM   226 C  "C4'" . DG  B 1 6 ? -8.011  4.916  -4.841  1.00 9.95  ? 12 DG  B "C4'" 1 
ATOM   227 O  "O4'" . DG  B 1 6 ? -6.940  5.901  -4.797  1.00 10.81 ? 12 DG  B "O4'" 1 
ATOM   228 C  "C3'" . DG  B 1 6 ? -8.675  5.069  -6.172  1.00 12.07 ? 12 DG  B "C3'" 1 
ATOM   229 O  "O3'" . DG  B 1 6 ? -9.721  6.177  -6.265  1.00 11.80 ? 12 DG  B "O3'" 1 
ATOM   230 C  "C2'" . DG  B 1 6 ? -7.528  5.447  -7.072  1.00 11.37 ? 12 DG  B "C2'" 1 
ATOM   231 C  "C1'" . DG  B 1 6 ? -6.887  6.487  -6.118  1.00 10.49 ? 12 DG  B "C1'" 1 
ATOM   232 N  N9    . DG  B 1 6 ? -5.533  6.758  -6.493  1.00 9.77  ? 12 DG  B N9    1 
ATOM   233 C  C8    . DG  B 1 6 ? -4.824  7.958  -6.527  1.00 10.73 ? 12 DG  B C8    1 
ATOM   234 N  N7    . DG  B 1 6 ? -3.561  7.797  -6.816  1.00 11.22 ? 12 DG  B N7    1 
ATOM   235 C  C5    . DG  B 1 6 ? -3.434  6.442  -6.969  1.00 9.90  ? 12 DG  B C5    1 
ATOM   236 C  C6    . DG  B 1 6 ? -2.209  5.670  -7.175  1.00 10.24 ? 12 DG  B C6    1 
ATOM   237 O  O6    . DG  B 1 6 ? -1.092  6.158  -7.375  1.00 11.96 ? 12 DG  B O6    1 
ATOM   238 N  N1    . DG  B 1 6 ? -2.370  4.334  -7.257  1.00 10.34 ? 12 DG  B N1    1 
ATOM   239 C  C2    . DG  B 1 6 ? -3.592  3.740  -7.043  1.00 9.56  ? 12 DG  B C2    1 
ATOM   240 N  N2    . DG  B 1 6 ? -3.568  2.414  -7.067  1.00 10.12 ? 12 DG  B N2    1 
ATOM   241 N  N3    . DG  B 1 6 ? -4.705  4.430  -6.734  1.00 9.53  ? 12 DG  B N3    1 
ATOM   242 C  C4    . DG  B 1 6 ? -4.565  5.750  -6.690  1.00 10.36 ? 12 DG  B C4    1 
HETATM 243 MG MG    . MG  C 2 . ? -12.536 -9.517 -13.455 1.00 31.82 ? 13 MG  A MG    1 
HETATM 244 O  O     . HOH D 3 . ? -10.852 -9.781 -12.524 1.00 32.77 ? 15 HOH A O     1 
HETATM 245 O  O     . HOH D 3 . ? -11.564 -8.366 -14.828 1.00 31.61 ? 16 HOH A O     1 
HETATM 246 O  O     . HOH D 3 . ? 5.806   -6.691 4.247   1.00 32.57 ? 19 HOH A O     1 
HETATM 247 O  O     . HOH D 3 . ? -1.648  -4.657 -4.669  1.00 17.83 ? 21 HOH A O     1 
HETATM 248 O  O     . HOH D 3 . ? -2.902  -0.514 -3.374  1.00 30.04 ? 23 HOH A O     1 
HETATM 249 O  O     . HOH D 3 . ? 4.599   5.424  -8.097  1.00 15.78 ? 24 HOH A O     1 
HETATM 250 O  O     . HOH D 3 . ? -3.881  -2.277 1.783   1.00 19.86 ? 27 HOH A O     1 
HETATM 251 O  O     . HOH D 3 . ? -6.125  -8.376 2.366   1.00 32.23 ? 28 HOH A O     1 
HETATM 252 O  O     . HOH D 3 . ? -2.855  -2.691 4.196   1.00 15.22 ? 31 HOH A O     1 
HETATM 253 O  O     . HOH D 3 . ? 4.299   8.792  -15.073 1.00 32.23 ? 40 HOH A O     1 
HETATM 254 O  O     . HOH D 3 . ? 0.489   -0.401 -12.375 1.00 10.95 ? 41 HOH A O     1 
HETATM 255 O  O     . HOH D 3 . ? -1.231  -0.189 -15.832 1.00 29.56 ? 44 HOH A O     1 
HETATM 256 O  O     . HOH D 3 . ? -9.448  -7.175 -10.943 1.00 54.57 ? 46 HOH A O     1 
HETATM 257 O  O     . HOH D 3 . ? -6.915  -5.229 -14.745 1.00 20.95 ? 54 HOH A O     1 
HETATM 258 O  O     . HOH D 3 . ? 3.974   -6.837 -1.113  1.00 36.75 ? 59 HOH A O     1 
HETATM 259 O  O     . HOH D 3 . ? -3.934  -4.183 -3.793  1.00 39.26 ? 63 HOH A O     1 
HETATM 260 O  O     . HOH D 3 . ? -2.498  1.158  -18.084 1.00 30.48 ? 66 HOH A O     1 
HETATM 261 O  O     . HOH E 3 . ? 7.761   -6.043 6.017   1.00 32.35 ? 14 HOH B O     1 
HETATM 262 O  O     . HOH E 3 . ? 8.160   -5.772 3.183   1.00 32.61 ? 17 HOH B O     1 
HETATM 263 O  O     . HOH E 3 . ? 9.602   -7.711 4.638   1.00 32.34 ? 18 HOH B O     1 
HETATM 264 O  O     . HOH E 3 . ? -12.484 0.474  -24.300 1.00 37.51 ? 20 HOH B O     1 
HETATM 265 O  O     . HOH E 3 . ? -4.577  13.319 -24.733 1.00 41.61 ? 22 HOH B O     1 
HETATM 266 O  O     . HOH E 3 . ? -5.869  0.599  -5.965  1.00 16.09 ? 25 HOH B O     1 
HETATM 267 O  O     . HOH E 3 . ? -9.590  0.886  -2.417  1.00 41.28 ? 26 HOH B O     1 
HETATM 268 O  O     . HOH E 3 . ? 8.118   -2.389 0.615   1.00 26.67 ? 29 HOH B O     1 
HETATM 269 O  O     . HOH E 3 . ? -9.361  9.122  -7.585  1.00 10.38 ? 30 HOH B O     1 
HETATM 270 O  O     . HOH E 3 . ? -4.925  9.038  -9.772  1.00 25.73 ? 32 HOH B O     1 
HETATM 271 O  O     . HOH E 3 . ? -7.531  8.843  -9.540  1.00 22.59 ? 33 HOH B O     1 
HETATM 272 O  O     . HOH E 3 . ? 3.507   9.796  -5.474  1.00 24.20 ? 34 HOH B O     1 
HETATM 273 O  O     . HOH E 3 . ? 3.774   2.862  7.784   1.00 21.80 ? 35 HOH B O     1 
HETATM 274 O  O     . HOH E 3 . ? 10.588  -1.836 11.390  1.00 19.56 ? 36 HOH B O     1 
HETATM 275 O  O     . HOH E 3 . ? -6.132  10.879 -12.937 1.00 24.28 ? 37 HOH B O     1 
HETATM 276 O  O     . HOH E 3 . ? -1.259  8.805  -4.663  1.00 39.39 ? 38 HOH B O     1 
HETATM 277 O  O     . HOH E 3 . ? 3.579   7.186  5.921   1.00 16.76 ? 39 HOH B O     1 
HETATM 278 O  O     . HOH E 3 . ? -19.494 -0.757 -7.956  1.00 19.83 ? 42 HOH B O     1 
HETATM 279 O  O     . HOH E 3 . ? -13.601 7.200  -7.963  1.00 30.70 ? 43 HOH B O     1 
HETATM 280 O  O     . HOH E 3 . ? -2.113  10.386 -7.774  1.00 21.09 ? 45 HOH B O     1 
HETATM 281 O  O     . HOH E 3 . ? 0.510   9.023  -7.260  1.00 46.26 ? 47 HOH B O     1 
HETATM 282 O  O     . HOH E 3 . ? -3.307  12.168 -22.686 1.00 35.01 ? 48 HOH B O     1 
HETATM 283 O  O     . HOH E 3 . ? -1.641  20.297 -5.740  1.00 12.46 ? 49 HOH B O     1 
HETATM 284 O  O     . HOH E 3 . ? -5.989  -2.116 -6.874  1.00 22.94 ? 50 HOH B O     1 
HETATM 285 O  O     . HOH E 3 . ? -19.090 -2.241 -2.846  1.00 18.09 ? 51 HOH B O     1 
HETATM 286 O  O     . HOH E 3 . ? -6.243  10.947 -4.595  1.00 17.49 ? 52 HOH B O     1 
HETATM 287 O  O     . HOH E 3 . ? -9.763  -1.370 -2.972  1.00 21.71 ? 53 HOH B O     1 
HETATM 288 O  O     . HOH E 3 . ? -13.280 1.380  -13.257 1.00 43.25 ? 55 HOH B O     1 
HETATM 289 O  O     . HOH E 3 . ? -13.939 3.150  -15.381 1.00 25.57 ? 56 HOH B O     1 
HETATM 290 O  O     . HOH E 3 . ? 3.671   -0.154 12.263  1.00 19.47 ? 57 HOH B O     1 
HETATM 291 O  O     . HOH E 3 . ? -6.340  12.211 -18.647 1.00 38.24 ? 58 HOH B O     1 
HETATM 292 O  O     . HOH E 3 . ? -5.004  2.955  4.256   1.00 39.31 ? 60 HOH B O     1 
HETATM 293 O  O     . HOH E 3 . ? -5.358  5.407  3.779   1.00 47.21 ? 61 HOH B O     1 
HETATM 294 O  O     . HOH E 3 . ? 3.845   9.307  -8.278  1.00 42.89 ? 62 HOH B O     1 
HETATM 295 O  O     . HOH E 3 . ? -7.008  1.971  1.117   1.00 54.87 ? 64 HOH B O     1 
HETATM 296 O  O     . HOH E 3 . ? -5.845  4.343  1.261   1.00 34.93 ? 65 HOH B O     1 
HETATM 297 O  O     . HOH E 3 . ? -6.799  14.257 -15.363 1.00 54.01 ? 67 HOH B O     1 
HETATM 298 O  O     . HOH E 3 . ? -11.366 7.056  -8.509  1.00 37.52 ? 68 HOH B O     1 
HETATM 299 O  O     . HOH E 3 . ? -1.061  19.843 -15.376 1.00 26.45 ? 69 HOH B O     1 
HETATM 300 O  O     . HOH E 3 . ? -14.228 7.775  -11.412 1.00 32.69 ? 70 HOH B O     1 
HETATM 301 O  O     . HOH E 3 . ? 0.280   10.652 -7.836  1.00 46.66 ? 71 HOH B O     1 
# 
